data_1A4G
#
_entry.id   1A4G
#
_cell.length_a   88.200
_cell.length_b   88.200
_cell.length_c   221.100
_cell.angle_alpha   90.00
_cell.angle_beta   90.00
_cell.angle_gamma   120.00
#
_symmetry.space_group_name_H-M   'P 31 2 1'
#
loop_
_entity.id
_entity.type
_entity.pdbx_description
1 polymer NEURAMINIDASE
2 non-polymer 2-acetamido-2-deoxy-beta-D-glucopyranose
3 non-polymer 'CALCIUM ION'
4 non-polymer ZANAMIVIR
5 water water
#
_entity_poly.entity_id   1
_entity_poly.type   'polypeptide(L)'
_entity_poly.pdbx_seq_one_letter_code
;EPEWTYPRLSCQGSTFQKALLISPHRFGEARGNSAPLIIREPFIACGPKECKHFALTHYAAQPGGYYNGTREDRNKLRHL
ISVKLGKIPTVENSIFHMAAWSGSACHDGREWTYIGVDGPDSNALIKIKYGEAYTDTYHSYANNILRTQESACNCIGGDC
YLMITDGSASGISKCRFLKIREGRIIKEIFPTGRVEHTEECTCGFASNKTIECACRDNSYTAKRPFVKLNVETDTAEIRL
MCTETYLDTPRPDDGSITGPCESNGDKGRGGIKGGFVHQRMASKIGRWYSRTMSKTERMGMELYVRYDGDPWTDSDALAH
SGVMVSMKEPGWYSFGFEIKDKKCDVPCIGIEMVHDGGKKTWHSAATAIYCLMGSGQLLWDTVTGVDMAL
;
_entity_poly.pdbx_strand_id   A,B
#
loop_
_chem_comp.id
_chem_comp.type
_chem_comp.name
_chem_comp.formula
CA non-polymer 'CALCIUM ION' 'Ca 2'
NAG D-saccharide, beta linking 2-acetamido-2-deoxy-beta-D-glucopyranose 'C8 H15 N O6'
ZMR D-saccharide ZANAMIVIR 'C12 H20 N4 O7'
#
# COMPACT_ATOMS: atom_id res chain seq x y z
N GLU A 1 -21.01 2.56 -17.70
CA GLU A 1 -20.09 2.79 -16.55
C GLU A 1 -19.28 3.99 -17.07
N PRO A 2 -18.29 4.62 -16.39
CA PRO A 2 -17.43 5.63 -16.97
C PRO A 2 -16.72 5.16 -18.25
N GLU A 3 -16.54 6.10 -19.15
CA GLU A 3 -15.85 5.92 -20.41
C GLU A 3 -14.35 5.79 -20.07
N TRP A 4 -13.66 5.05 -20.92
CA TRP A 4 -12.22 4.94 -20.83
C TRP A 4 -11.66 6.27 -21.32
N THR A 5 -10.62 6.74 -20.68
CA THR A 5 -9.93 7.99 -21.01
C THR A 5 -9.00 7.83 -22.23
N TYR A 6 -8.86 8.92 -22.97
CA TYR A 6 -7.99 9.05 -24.14
C TYR A 6 -7.31 10.42 -24.05
N PRO A 7 -6.08 10.61 -24.58
CA PRO A 7 -5.53 11.95 -24.80
C PRO A 7 -6.42 12.78 -25.73
N ARG A 8 -6.58 14.05 -25.45
CA ARG A 8 -7.39 14.97 -26.27
C ARG A 8 -6.45 16.09 -26.72
N LEU A 9 -6.84 16.97 -27.64
CA LEU A 9 -6.01 18.14 -27.96
C LEU A 9 -5.87 19.00 -26.71
N SER A 10 -4.73 19.66 -26.59
CA SER A 10 -4.45 20.54 -25.48
C SER A 10 -5.28 21.81 -25.58
N CYS A 11 -5.56 22.43 -24.43
CA CYS A 11 -6.27 23.71 -24.35
C CYS A 11 -5.36 24.75 -25.00
N GLN A 12 -5.94 25.82 -25.50
CA GLN A 12 -5.25 26.92 -26.19
C GLN A 12 -4.26 27.58 -25.22
N GLY A 13 -3.07 27.95 -25.66
CA GLY A 13 -2.11 28.62 -24.80
C GLY A 13 -0.76 28.55 -25.46
N SER A 14 0.18 29.41 -25.11
CA SER A 14 1.49 29.41 -25.73
C SER A 14 2.60 29.74 -24.74
N THR A 15 2.29 29.80 -23.44
CA THR A 15 3.32 29.99 -22.43
C THR A 15 2.80 29.28 -21.19
N PHE A 16 3.74 28.87 -20.36
CA PHE A 16 3.43 28.31 -19.06
C PHE A 16 3.49 29.48 -18.07
N GLN A 17 2.81 29.30 -16.95
CA GLN A 17 2.80 30.28 -15.86
C GLN A 17 2.82 29.53 -14.54
N LYS A 18 3.18 30.24 -13.47
CA LYS A 18 3.27 29.70 -12.11
C LYS A 18 1.86 29.37 -11.66
N ALA A 19 1.63 28.15 -11.20
CA ALA A 19 0.29 27.76 -10.80
C ALA A 19 0.11 27.62 -9.30
N LEU A 20 0.89 26.73 -8.67
CA LEU A 20 0.67 26.36 -7.28
C LEU A 20 1.96 25.81 -6.68
N LEU A 21 2.14 25.96 -5.37
CA LEU A 21 3.32 25.48 -4.67
C LEU A 21 2.72 24.69 -3.51
N ILE A 22 3.16 23.46 -3.29
CA ILE A 22 2.77 22.67 -2.13
C ILE A 22 4.09 22.59 -1.40
N SER A 23 4.22 23.36 -0.34
CA SER A 23 5.43 23.41 0.44
C SER A 23 5.02 23.04 1.87
N PRO A 24 4.91 21.74 2.16
CA PRO A 24 4.39 21.20 3.42
C PRO A 24 5.21 21.61 4.63
N HIS A 25 6.52 21.74 4.42
CA HIS A 25 7.48 22.00 5.49
C HIS A 25 7.55 23.45 5.93
N ARG A 26 6.69 24.26 5.29
CA ARG A 26 6.43 25.60 5.77
C ARG A 26 5.66 25.50 7.08
N PHE A 27 5.16 24.29 7.40
CA PHE A 27 4.45 24.07 8.64
C PHE A 27 5.14 23.03 9.53
N GLY A 28 6.44 22.74 9.36
CA GLY A 28 7.07 21.70 10.17
C GLY A 28 8.01 22.18 11.28
N GLU A 29 7.94 23.44 11.68
CA GLU A 29 8.77 24.03 12.73
C GLU A 29 8.61 23.27 14.04
N ALA A 30 9.63 23.16 14.87
CA ALA A 30 9.53 22.50 16.16
C ALA A 30 8.48 23.16 17.06
N ARG A 31 8.23 24.47 16.91
CA ARG A 31 7.23 25.19 17.68
C ARG A 31 5.84 25.20 17.02
N GLY A 32 5.71 24.64 15.83
CA GLY A 32 4.42 24.63 15.15
C GLY A 32 3.65 23.41 15.61
N ASN A 33 2.48 23.18 15.02
CA ASN A 33 1.62 22.09 15.45
C ASN A 33 1.22 21.18 14.29
N SER A 34 2.04 21.10 13.25
CA SER A 34 1.67 20.29 12.11
C SER A 34 2.61 19.11 11.98
N ALA A 35 2.19 18.25 11.06
CA ALA A 35 2.87 17.00 10.79
C ALA A 35 2.98 16.76 9.29
N PRO A 36 3.74 17.57 8.55
CA PRO A 36 4.10 17.25 7.15
C PRO A 36 4.93 15.96 7.04
N LEU A 37 4.56 15.09 6.11
CA LEU A 37 5.33 13.87 5.88
C LEU A 37 6.65 14.17 5.19
N ILE A 38 7.71 13.44 5.58
CA ILE A 38 9.02 13.52 4.96
C ILE A 38 8.87 12.62 3.73
N ILE A 39 9.15 13.20 2.58
CA ILE A 39 8.95 12.56 1.28
C ILE A 39 10.09 12.93 0.35
N ARG A 40 10.09 12.29 -0.80
CA ARG A 40 10.87 12.62 -1.98
C ARG A 40 10.15 11.95 -3.15
N GLU A 41 10.62 12.15 -4.37
CA GLU A 41 10.02 11.69 -5.61
C GLU A 41 8.49 11.91 -5.77
N PRO A 42 8.00 13.16 -5.57
CA PRO A 42 6.60 13.51 -5.80
C PRO A 42 6.28 13.48 -7.29
N PHE A 43 5.02 13.26 -7.64
CA PHE A 43 4.57 13.41 -9.02
C PHE A 43 3.07 13.61 -8.93
N ILE A 44 2.41 13.97 -10.02
CA ILE A 44 0.97 14.20 -10.01
C ILE A 44 0.38 13.45 -11.19
N ALA A 45 -0.84 12.95 -11.05
CA ALA A 45 -1.58 12.27 -12.12
C ALA A 45 -3.01 12.72 -11.89
N CYS A 46 -3.73 12.98 -12.94
CA CYS A 46 -5.10 13.46 -12.86
C CYS A 46 -6.02 12.48 -13.56
N GLY A 47 -7.23 12.40 -13.03
CA GLY A 47 -8.32 11.69 -13.68
C GLY A 47 -9.27 12.75 -14.23
N PRO A 48 -10.52 12.47 -14.63
CA PRO A 48 -11.43 13.53 -15.14
C PRO A 48 -11.84 14.61 -14.14
N LYS A 49 -11.84 14.32 -12.84
CA LYS A 49 -12.37 15.27 -11.87
C LYS A 49 -11.40 15.78 -10.81
N GLU A 50 -10.23 15.16 -10.70
CA GLU A 50 -9.33 15.43 -9.58
C GLU A 50 -7.91 15.00 -9.95
N CYS A 51 -6.93 15.65 -9.39
CA CYS A 51 -5.53 15.25 -9.50
C CYS A 51 -5.12 14.74 -8.12
N LYS A 52 -4.18 13.82 -8.07
CA LYS A 52 -3.62 13.34 -6.81
C LYS A 52 -2.13 13.64 -6.86
N HIS A 53 -1.62 14.12 -5.73
CA HIS A 53 -0.21 14.47 -5.59
C HIS A 53 0.37 13.30 -4.83
N PHE A 54 1.21 12.51 -5.50
CA PHE A 54 1.83 11.30 -4.97
C PHE A 54 3.26 11.57 -4.51
N ALA A 55 3.85 10.71 -3.69
CA ALA A 55 5.25 10.80 -3.28
C ALA A 55 5.66 9.53 -2.51
N LEU A 56 6.97 9.30 -2.31
CA LEU A 56 7.43 8.19 -1.51
C LEU A 56 7.87 8.79 -0.18
N THR A 57 7.14 8.42 0.84
CA THR A 57 7.45 8.89 2.18
C THR A 57 8.50 7.97 2.81
N HIS A 58 9.17 8.52 3.82
CA HIS A 58 10.05 7.73 4.68
C HIS A 58 9.28 7.29 5.93
N TYR A 59 7.97 7.51 5.97
CA TYR A 59 7.08 7.11 7.07
C TYR A 59 7.51 7.85 8.35
N ALA A 60 7.76 9.13 8.19
CA ALA A 60 8.26 9.98 9.25
C ALA A 60 7.70 11.38 8.96
N ALA A 61 7.46 12.17 9.99
CA ALA A 61 6.95 13.53 9.85
C ALA A 61 7.96 14.50 10.47
N GLN A 62 7.83 15.77 10.10
CA GLN A 62 8.62 16.87 10.65
C GLN A 62 7.67 17.76 11.47
N PRO A 63 7.87 18.12 12.75
CA PRO A 63 8.98 17.66 13.58
C PRO A 63 8.83 16.20 14.04
N GLY A 64 9.93 15.51 14.26
CA GLY A 64 9.89 14.14 14.71
C GLY A 64 11.23 13.60 15.15
N GLY A 65 11.29 12.30 15.41
CA GLY A 65 12.48 11.65 15.92
C GLY A 65 13.08 10.62 14.98
N TYR A 66 12.65 10.57 13.73
CA TYR A 66 13.14 9.58 12.78
C TYR A 66 13.83 10.19 11.57
N TYR A 67 14.56 11.29 11.74
CA TYR A 67 15.26 11.92 10.62
C TYR A 67 16.42 11.08 10.12
N ASN A 68 17.13 10.32 10.97
CA ASN A 68 18.29 9.58 10.50
C ASN A 68 17.84 8.47 9.57
N GLY A 69 18.33 8.55 8.34
CA GLY A 69 17.99 7.59 7.32
C GLY A 69 17.11 8.21 6.26
N THR A 70 16.62 9.45 6.42
CA THR A 70 15.75 9.99 5.38
C THR A 70 16.51 10.44 4.12
N ARG A 71 17.83 10.31 4.06
CA ARG A 71 18.57 10.63 2.84
C ARG A 71 18.94 9.33 2.12
N GLU A 72 18.46 8.19 2.61
CA GLU A 72 18.67 6.90 1.96
C GLU A 72 17.49 6.67 1.00
N ASP A 73 17.78 6.09 -0.14
CA ASP A 73 16.76 5.83 -1.15
C ASP A 73 15.84 4.66 -0.84
N ARG A 74 16.33 3.51 -0.39
CA ARG A 74 15.47 2.32 -0.29
C ARG A 74 15.55 1.73 1.11
N ASN A 75 14.45 1.27 1.67
CA ASN A 75 14.41 0.67 3.00
C ASN A 75 13.02 0.05 3.16
N LYS A 76 12.81 -0.64 4.27
CA LYS A 76 11.58 -1.38 4.50
C LYS A 76 10.39 -0.53 4.91
N LEU A 77 10.58 0.76 5.20
CA LEU A 77 9.51 1.64 5.65
C LEU A 77 8.90 2.51 4.57
N ARG A 78 9.61 2.87 3.51
CA ARG A 78 9.10 3.76 2.45
C ARG A 78 7.82 3.25 1.81
N HIS A 79 6.93 4.20 1.53
CA HIS A 79 5.59 3.92 1.02
C HIS A 79 5.14 4.98 0.04
N LEU A 80 4.33 4.57 -0.93
CA LEU A 80 3.69 5.45 -1.90
C LEU A 80 2.49 6.06 -1.16
N ILE A 81 2.41 7.39 -1.09
CA ILE A 81 1.27 8.09 -0.47
C ILE A 81 0.67 9.07 -1.48
N SER A 82 -0.49 9.63 -1.16
CA SER A 82 -1.07 10.70 -1.96
C SER A 82 -2.07 11.45 -1.12
N VAL A 83 -2.32 12.67 -1.59
CA VAL A 83 -3.39 13.53 -1.14
C VAL A 83 -3.97 14.05 -2.44
N LYS A 84 -5.16 14.62 -2.36
CA LYS A 84 -5.78 15.33 -3.47
C LYS A 84 -4.89 16.57 -3.70
N LEU A 85 -4.58 16.92 -4.95
CA LEU A 85 -3.75 18.08 -5.27
C LEU A 85 -4.37 19.36 -4.70
N GLY A 86 -3.57 20.09 -3.94
CA GLY A 86 -4.06 21.28 -3.26
C GLY A 86 -4.13 21.09 -1.75
N LYS A 87 -4.11 19.84 -1.27
CA LYS A 87 -4.08 19.55 0.16
C LYS A 87 -2.63 19.39 0.57
N ILE A 88 -2.30 19.69 1.82
CA ILE A 88 -0.94 19.57 2.31
C ILE A 88 -0.77 18.09 2.67
N PRO A 89 0.24 17.35 2.17
CA PRO A 89 0.45 15.92 2.50
C PRO A 89 0.98 15.73 3.91
N THR A 90 0.08 15.73 4.86
CA THR A 90 0.40 15.51 6.26
C THR A 90 0.12 14.05 6.62
N VAL A 91 0.46 13.68 7.85
CA VAL A 91 0.18 12.35 8.41
C VAL A 91 -1.29 11.97 8.19
N GLU A 92 -2.17 12.90 8.55
CA GLU A 92 -3.60 12.63 8.52
C GLU A 92 -4.24 12.89 7.17
N ASN A 93 -3.77 13.85 6.37
CA ASN A 93 -4.37 14.06 5.06
C ASN A 93 -4.05 13.00 4.01
N SER A 94 -2.84 12.42 4.08
CA SER A 94 -2.38 11.41 3.12
C SER A 94 -3.04 10.04 3.28
N ILE A 95 -2.97 9.29 2.18
CA ILE A 95 -3.42 7.91 2.05
C ILE A 95 -2.10 7.14 1.89
N PHE A 96 -1.87 6.04 2.58
CA PHE A 96 -0.74 5.15 2.33
C PHE A 96 -1.29 4.06 1.39
N HIS A 97 -0.73 3.96 0.20
CA HIS A 97 -1.20 3.02 -0.82
C HIS A 97 -0.57 1.63 -0.75
N MET A 98 0.76 1.56 -0.64
CA MET A 98 1.48 0.29 -0.55
C MET A 98 2.93 0.60 -0.19
N ALA A 99 3.66 -0.42 0.23
CA ALA A 99 5.10 -0.33 0.53
C ALA A 99 5.82 -0.15 -0.81
N ALA A 100 6.72 0.83 -0.86
CA ALA A 100 7.34 1.22 -2.13
C ALA A 100 8.47 2.21 -1.96
N TRP A 101 9.58 1.93 -2.62
CA TRP A 101 10.64 2.92 -2.72
C TRP A 101 10.80 3.36 -4.17
N SER A 102 9.85 3.08 -5.05
CA SER A 102 9.84 3.56 -6.44
C SER A 102 8.38 3.45 -6.85
N GLY A 103 7.77 4.47 -7.43
CA GLY A 103 6.36 4.37 -7.77
C GLY A 103 5.93 5.03 -9.06
N SER A 104 4.63 4.87 -9.28
CA SER A 104 3.90 5.43 -10.40
C SER A 104 2.42 5.17 -10.11
N ALA A 105 1.57 5.86 -10.86
CA ALA A 105 0.13 5.76 -10.72
C ALA A 105 -0.52 6.50 -11.87
N CYS A 106 -1.71 6.10 -12.26
CA CYS A 106 -2.48 6.77 -13.32
C CYS A 106 -3.93 6.32 -13.24
N HIS A 107 -4.81 7.11 -13.82
CA HIS A 107 -6.24 6.86 -13.82
C HIS A 107 -6.57 6.53 -15.26
N ASP A 108 -7.36 5.49 -15.50
CA ASP A 108 -7.71 5.12 -16.87
C ASP A 108 -9.09 5.56 -17.37
N GLY A 109 -9.74 6.42 -16.60
CA GLY A 109 -11.10 6.83 -16.94
C GLY A 109 -12.11 6.26 -15.97
N ARG A 110 -11.86 5.05 -15.50
CA ARG A 110 -12.70 4.35 -14.52
C ARG A 110 -12.06 4.20 -13.14
N GLU A 111 -10.77 3.85 -13.01
CA GLU A 111 -10.14 3.60 -11.72
C GLU A 111 -8.65 3.95 -11.78
N TRP A 112 -8.02 4.02 -10.61
CA TRP A 112 -6.61 4.28 -10.37
C TRP A 112 -5.79 2.99 -10.28
N THR A 113 -4.60 3.04 -10.88
CA THR A 113 -3.61 1.96 -10.88
C THR A 113 -2.44 2.57 -10.13
N TYR A 114 -1.95 1.87 -9.11
CA TYR A 114 -0.84 2.31 -8.29
C TYR A 114 0.25 1.26 -8.49
N ILE A 115 1.47 1.72 -8.66
CA ILE A 115 2.59 0.84 -8.85
C ILE A 115 3.64 1.20 -7.79
N GLY A 116 4.16 0.19 -7.13
CA GLY A 116 5.17 0.36 -6.13
C GLY A 116 6.23 -0.71 -6.26
N VAL A 117 7.49 -0.38 -5.99
CA VAL A 117 8.58 -1.36 -6.05
C VAL A 117 9.24 -1.45 -4.68
N ASP A 118 9.36 -2.66 -4.15
CA ASP A 118 10.20 -2.92 -2.97
C ASP A 118 10.81 -4.34 -3.10
N GLY A 119 11.50 -4.82 -2.08
CA GLY A 119 12.17 -6.09 -2.15
C GLY A 119 13.65 -5.81 -1.97
N PRO A 120 14.54 -6.81 -1.86
CA PRO A 120 15.98 -6.54 -1.78
C PRO A 120 16.48 -5.96 -3.11
N ASP A 121 17.56 -5.20 -3.08
CA ASP A 121 18.16 -4.61 -4.29
C ASP A 121 18.43 -5.62 -5.39
N SER A 122 18.91 -6.79 -5.03
CA SER A 122 19.22 -7.80 -6.02
C SER A 122 17.98 -8.50 -6.53
N ASN A 123 16.80 -8.33 -5.97
CA ASN A 123 15.62 -9.10 -6.39
C ASN A 123 14.33 -8.43 -5.91
N ALA A 124 14.12 -7.24 -6.46
CA ALA A 124 13.00 -6.39 -6.13
C ALA A 124 11.76 -6.80 -6.90
N LEU A 125 10.65 -6.11 -6.66
CA LEU A 125 9.35 -6.47 -7.21
C LEU A 125 8.42 -5.31 -7.57
N ILE A 126 7.90 -5.29 -8.79
CA ILE A 126 6.88 -4.35 -9.27
C ILE A 126 5.58 -4.90 -8.71
N LYS A 127 4.80 -4.12 -7.96
CA LYS A 127 3.52 -4.54 -7.39
C LYS A 127 2.48 -3.57 -7.92
N ILE A 128 1.37 -4.10 -8.43
CA ILE A 128 0.32 -3.30 -9.05
C ILE A 128 -0.99 -3.45 -8.28
N LYS A 129 -1.63 -2.32 -8.02
CA LYS A 129 -2.89 -2.26 -7.30
C LYS A 129 -3.87 -1.51 -8.21
N TYR A 130 -5.12 -1.97 -8.24
CA TYR A 130 -6.16 -1.38 -9.05
C TYR A 130 -7.23 -1.11 -8.01
N GLY A 131 -7.47 0.16 -7.71
CA GLY A 131 -8.39 0.51 -6.62
C GLY A 131 -7.86 -0.06 -5.32
N GLU A 132 -8.66 -0.82 -4.61
CA GLU A 132 -8.26 -1.45 -3.34
C GLU A 132 -7.46 -2.73 -3.53
N ALA A 133 -7.56 -3.35 -4.70
CA ALA A 133 -7.03 -4.69 -4.94
C ALA A 133 -5.64 -4.80 -5.53
N TYR A 134 -4.79 -5.54 -4.84
CA TYR A 134 -3.44 -5.86 -5.30
C TYR A 134 -3.74 -6.90 -6.38
N THR A 135 -3.26 -6.66 -7.59
CA THR A 135 -3.66 -7.43 -8.77
C THR A 135 -2.55 -8.14 -9.51
N ASP A 136 -1.30 -7.69 -9.45
CA ASP A 136 -0.24 -8.35 -10.19
C ASP A 136 1.12 -7.91 -9.70
N THR A 137 2.18 -8.58 -10.17
CA THR A 137 3.57 -8.24 -9.86
C THR A 137 4.42 -8.54 -11.08
N TYR A 138 5.66 -8.08 -11.12
CA TYR A 138 6.58 -8.36 -12.20
C TYR A 138 7.92 -8.53 -11.50
N HIS A 139 8.77 -9.41 -12.02
CA HIS A 139 10.00 -9.81 -11.32
C HIS A 139 11.23 -9.09 -11.85
N SER A 140 12.27 -8.97 -11.04
CA SER A 140 13.55 -8.40 -11.44
C SER A 140 14.14 -9.31 -12.51
N TYR A 141 14.51 -8.69 -13.63
CA TYR A 141 15.08 -9.42 -14.77
C TYR A 141 16.57 -9.19 -14.97
N ALA A 142 17.20 -8.35 -14.15
CA ALA A 142 18.63 -8.07 -14.29
C ALA A 142 19.29 -7.96 -12.92
N ASN A 143 18.52 -8.35 -11.92
CA ASN A 143 18.84 -8.35 -10.50
C ASN A 143 19.78 -7.28 -9.95
N ASN A 144 19.40 -6.05 -10.29
CA ASN A 144 20.11 -4.87 -9.83
C ASN A 144 19.15 -3.68 -9.84
N ILE A 145 18.39 -3.64 -8.75
CA ILE A 145 17.40 -2.60 -8.42
C ILE A 145 16.37 -2.32 -9.53
N LEU A 146 15.41 -3.23 -9.63
CA LEU A 146 14.29 -3.08 -10.56
C LEU A 146 13.59 -1.81 -10.05
N ARG A 147 13.18 -0.90 -10.90
CA ARG A 147 12.64 0.39 -10.48
C ARG A 147 11.75 0.95 -11.59
N THR A 148 10.95 1.99 -11.34
CA THR A 148 10.11 2.53 -12.38
C THR A 148 10.24 4.08 -12.43
N GLN A 149 9.28 4.70 -13.09
CA GLN A 149 9.28 6.12 -13.45
C GLN A 149 9.44 7.21 -12.42
N GLU A 150 8.66 7.14 -11.33
CA GLU A 150 8.53 8.22 -10.33
C GLU A 150 7.74 9.37 -10.98
N SER A 151 6.83 9.03 -11.89
CA SER A 151 5.89 9.93 -12.54
C SER A 151 4.74 9.06 -13.06
N ALA A 152 3.67 9.72 -13.45
CA ALA A 152 2.43 9.11 -13.89
C ALA A 152 2.60 8.13 -15.02
N CYS A 153 1.88 7.03 -14.98
CA CYS A 153 1.87 6.16 -16.15
C CYS A 153 0.78 6.74 -17.07
N ASN A 154 0.55 6.15 -18.25
CA ASN A 154 -0.32 6.77 -19.24
C ASN A 154 -1.33 5.80 -19.82
N CYS A 155 -2.63 6.05 -19.67
CA CYS A 155 -3.68 5.14 -20.11
C CYS A 155 -4.45 5.68 -21.29
N ILE A 156 -4.73 4.78 -22.22
CA ILE A 156 -5.52 5.05 -23.41
C ILE A 156 -6.41 3.82 -23.58
N GLY A 157 -7.71 4.06 -23.67
CA GLY A 157 -8.65 2.97 -23.91
C GLY A 157 -8.63 1.88 -22.85
N GLY A 158 -8.08 2.16 -21.68
CA GLY A 158 -8.01 1.18 -20.61
C GLY A 158 -6.66 0.48 -20.52
N ASP A 159 -5.75 0.73 -21.47
CA ASP A 159 -4.41 0.17 -21.41
C ASP A 159 -3.50 1.26 -20.85
N CYS A 160 -2.83 0.99 -19.74
CA CYS A 160 -1.94 1.91 -19.05
C CYS A 160 -0.52 1.44 -19.31
N TYR A 161 0.35 2.32 -19.79
CA TYR A 161 1.72 1.96 -20.13
C TYR A 161 2.66 2.49 -19.07
N LEU A 162 3.70 1.73 -18.73
CA LEU A 162 4.64 2.03 -17.65
C LEU A 162 6.07 1.59 -17.99
N MET A 163 7.06 2.48 -17.87
CA MET A 163 8.45 2.11 -18.05
C MET A 163 8.92 1.51 -16.73
N ILE A 164 9.66 0.43 -16.81
CA ILE A 164 10.33 -0.17 -15.65
C ILE A 164 11.75 -0.38 -16.17
N THR A 165 12.75 -0.47 -15.32
CA THR A 165 14.11 -0.74 -15.76
C THR A 165 14.76 -1.48 -14.60
N ASP A 166 15.94 -2.03 -14.88
CA ASP A 166 16.65 -2.89 -13.95
C ASP A 166 18.07 -2.96 -14.50
N GLY A 167 19.07 -2.89 -13.65
CA GLY A 167 20.45 -2.95 -14.09
C GLY A 167 21.24 -1.94 -13.29
N SER A 168 22.53 -1.90 -13.56
CA SER A 168 23.45 -1.05 -12.83
C SER A 168 23.25 0.45 -13.10
N ALA A 169 23.32 1.22 -12.02
CA ALA A 169 23.26 2.67 -12.08
C ALA A 169 24.53 3.24 -12.72
N SER A 170 25.56 2.42 -12.88
CA SER A 170 26.87 2.78 -13.45
C SER A 170 27.15 1.99 -14.72
N GLY A 171 26.19 1.21 -15.21
CA GLY A 171 26.44 0.37 -16.35
C GLY A 171 25.16 0.29 -17.11
N ILE A 172 24.83 -0.90 -17.58
CA ILE A 172 23.68 -1.18 -18.44
C ILE A 172 22.38 -1.34 -17.64
N SER A 173 21.36 -0.62 -18.07
CA SER A 173 20.01 -0.75 -17.51
C SER A 173 19.11 -0.67 -18.73
N LYS A 174 18.63 -1.81 -19.20
CA LYS A 174 17.80 -1.84 -20.39
C LYS A 174 16.37 -1.82 -19.88
N CYS A 175 15.65 -0.74 -20.16
CA CYS A 175 14.29 -0.62 -19.67
C CYS A 175 13.34 -1.46 -20.49
N ARG A 176 12.12 -1.63 -20.01
CA ARG A 176 11.05 -2.34 -20.72
C ARG A 176 9.78 -1.60 -20.39
N PHE A 177 8.76 -1.76 -21.23
CA PHE A 177 7.47 -1.14 -20.96
C PHE A 177 6.43 -2.19 -20.70
N LEU A 178 5.61 -1.98 -19.69
CA LEU A 178 4.48 -2.87 -19.39
C LEU A 178 3.21 -2.16 -19.82
N LYS A 179 2.30 -2.96 -20.36
CA LYS A 179 0.95 -2.57 -20.77
C LYS A 179 0.12 -3.31 -19.72
N ILE A 180 -0.57 -2.52 -18.92
CA ILE A 180 -1.32 -2.96 -17.77
C ILE A 180 -2.79 -2.62 -18.07
N ARG A 181 -3.71 -3.55 -17.87
CA ARG A 181 -5.12 -3.29 -18.10
C ARG A 181 -5.81 -3.88 -16.88
N GLU A 182 -6.45 -2.97 -16.18
CA GLU A 182 -7.22 -3.20 -14.98
C GLU A 182 -6.37 -3.91 -13.91
N GLY A 183 -5.14 -3.42 -13.79
CA GLY A 183 -4.20 -3.90 -12.79
C GLY A 183 -3.39 -5.12 -13.21
N ARG A 184 -3.66 -5.69 -14.37
CA ARG A 184 -2.93 -6.86 -14.83
C ARG A 184 -2.09 -6.58 -16.06
N ILE A 185 -0.85 -7.05 -16.04
CA ILE A 185 0.10 -6.89 -17.12
C ILE A 185 -0.41 -7.75 -18.28
N ILE A 186 -0.83 -7.14 -19.38
CA ILE A 186 -1.25 -7.88 -20.57
C ILE A 186 -0.18 -7.88 -21.67
N LYS A 187 0.92 -7.14 -21.55
CA LYS A 187 2.01 -7.23 -22.51
C LYS A 187 3.28 -6.63 -21.95
N GLU A 188 4.43 -7.18 -22.35
CA GLU A 188 5.76 -6.71 -22.00
C GLU A 188 6.37 -6.33 -23.34
N ILE A 189 6.87 -5.10 -23.42
CA ILE A 189 7.42 -4.54 -24.64
C ILE A 189 8.92 -4.40 -24.46
N PHE A 190 9.70 -4.97 -25.37
CA PHE A 190 11.15 -4.92 -25.27
C PHE A 190 11.60 -3.88 -26.31
N PRO A 191 12.14 -2.72 -25.92
CA PRO A 191 12.56 -1.67 -26.86
C PRO A 191 13.73 -2.06 -27.74
N THR A 192 13.80 -1.38 -28.86
CA THR A 192 14.85 -1.54 -29.85
C THR A 192 15.64 -0.22 -29.92
N GLY A 193 16.90 -0.24 -30.34
CA GLY A 193 17.64 0.98 -30.58
C GLY A 193 18.80 1.20 -29.66
N ARG A 194 18.97 2.45 -29.26
CA ARG A 194 20.03 2.82 -28.33
C ARG A 194 19.37 2.49 -26.98
N VAL A 195 19.63 1.27 -26.52
CA VAL A 195 18.98 0.74 -25.31
C VAL A 195 19.89 0.47 -24.12
N GLU A 196 21.16 0.86 -24.16
CA GLU A 196 22.09 0.54 -23.09
C GLU A 196 21.67 1.09 -21.72
N HIS A 197 21.07 2.28 -21.62
CA HIS A 197 20.63 2.76 -20.32
C HIS A 197 19.47 3.74 -20.42
N THR A 198 18.31 3.33 -19.95
CA THR A 198 17.13 4.18 -19.92
C THR A 198 16.48 4.00 -18.56
N GLU A 199 16.28 5.04 -17.78
CA GLU A 199 15.58 4.93 -16.50
C GLU A 199 14.79 6.19 -16.23
N GLU A 200 13.86 6.17 -15.27
CA GLU A 200 13.07 7.33 -14.84
C GLU A 200 12.45 8.13 -16.00
N CYS A 201 11.83 7.39 -16.90
CA CYS A 201 11.18 7.99 -18.04
C CYS A 201 10.00 8.85 -17.61
N THR A 202 9.90 10.03 -18.21
CA THR A 202 8.73 10.88 -18.08
C THR A 202 8.04 10.71 -19.43
N CYS A 203 6.84 10.17 -19.38
CA CYS A 203 6.10 9.78 -20.56
C CYS A 203 4.80 10.53 -20.69
N GLY A 204 4.31 10.57 -21.91
CA GLY A 204 3.04 11.20 -22.21
C GLY A 204 2.63 10.83 -23.62
N PHE A 205 1.41 11.11 -24.01
CA PHE A 205 0.92 10.84 -25.33
C PHE A 205 1.24 11.98 -26.29
N ALA A 206 1.84 11.62 -27.41
CA ALA A 206 2.12 12.56 -28.48
C ALA A 206 0.85 12.64 -29.33
N SER A 207 0.09 11.54 -29.38
CA SER A 207 -1.17 11.41 -30.11
C SER A 207 -1.83 10.14 -29.55
N ASN A 208 -2.97 9.74 -30.09
CA ASN A 208 -3.58 8.46 -29.74
C ASN A 208 -2.74 7.25 -30.19
N LYS A 209 -1.74 7.45 -31.05
CA LYS A 209 -0.94 6.36 -31.59
C LYS A 209 0.46 6.27 -30.97
N THR A 210 0.99 7.34 -30.37
CA THR A 210 2.37 7.34 -29.91
C THR A 210 2.50 7.92 -28.50
N ILE A 211 3.28 7.24 -27.66
CA ILE A 211 3.67 7.69 -26.32
C ILE A 211 5.14 8.08 -26.52
N GLU A 212 5.59 9.17 -25.91
CA GLU A 212 7.00 9.54 -25.97
C GLU A 212 7.48 9.73 -24.55
N CYS A 213 8.77 9.50 -24.34
CA CYS A 213 9.37 9.66 -23.03
C CYS A 213 10.73 10.33 -23.10
N ALA A 214 11.02 11.22 -22.15
CA ALA A 214 12.35 11.83 -22.02
C ALA A 214 12.84 11.14 -20.75
N CYS A 215 14.00 10.50 -20.82
CA CYS A 215 14.50 9.65 -19.74
C CYS A 215 15.88 10.04 -19.26
N ARG A 216 16.37 9.35 -18.25
CA ARG A 216 17.68 9.53 -17.65
C ARG A 216 18.60 8.36 -18.00
N ASP A 217 19.84 8.72 -18.32
CA ASP A 217 20.92 7.78 -18.53
C ASP A 217 21.90 8.19 -17.44
N ASN A 218 22.00 7.33 -16.45
CA ASN A 218 22.89 7.55 -15.32
C ASN A 218 24.36 7.26 -15.54
N SER A 219 24.72 6.59 -16.63
CA SER A 219 26.14 6.25 -16.85
C SER A 219 26.87 6.92 -18.00
N TYR A 220 26.26 7.02 -19.18
CA TYR A 220 26.97 7.50 -20.36
C TYR A 220 26.77 8.86 -20.98
N THR A 221 25.61 9.49 -20.84
CA THR A 221 25.40 10.77 -21.51
C THR A 221 24.53 11.71 -20.67
N ALA A 222 24.56 12.96 -21.12
CA ALA A 222 23.76 14.05 -20.56
C ALA A 222 22.64 14.37 -21.53
N LYS A 223 22.60 13.67 -22.65
CA LYS A 223 21.48 13.77 -23.57
C LYS A 223 20.44 12.81 -22.98
N ARG A 224 19.17 13.13 -23.06
CA ARG A 224 18.15 12.23 -22.53
C ARG A 224 17.84 11.14 -23.56
N PRO A 225 17.78 9.85 -23.15
CA PRO A 225 17.13 8.79 -23.92
C PRO A 225 15.69 9.21 -24.22
N PHE A 226 15.29 9.07 -25.47
CA PHE A 226 13.98 9.50 -25.89
C PHE A 226 13.27 8.33 -26.53
N VAL A 227 12.15 7.94 -25.91
CA VAL A 227 11.37 6.77 -26.31
C VAL A 227 10.20 7.22 -27.17
N LYS A 228 9.98 6.49 -28.25
CA LYS A 228 8.81 6.63 -29.11
C LYS A 228 8.17 5.24 -29.02
N LEU A 229 6.92 5.15 -28.55
CA LEU A 229 6.24 3.88 -28.35
C LEU A 229 4.93 3.95 -29.12
N ASN A 230 4.82 3.03 -30.06
CA ASN A 230 3.60 2.94 -30.86
C ASN A 230 2.68 2.03 -30.04
N VAL A 231 1.58 2.63 -29.66
CA VAL A 231 0.58 2.01 -28.81
C VAL A 231 -0.20 0.90 -29.51
N GLU A 232 -0.31 0.92 -30.84
CA GLU A 232 -1.11 -0.06 -31.58
C GLU A 232 -0.38 -1.36 -31.85
N THR A 233 0.92 -1.27 -32.13
CA THR A 233 1.77 -2.43 -32.40
C THR A 233 2.47 -2.96 -31.16
N ASP A 234 2.53 -2.11 -30.14
CA ASP A 234 3.20 -2.36 -28.87
C ASP A 234 4.67 -2.67 -29.06
N THR A 235 5.28 -1.67 -29.70
CA THR A 235 6.70 -1.66 -30.03
C THR A 235 7.25 -0.30 -29.61
N ALA A 236 8.51 -0.23 -29.22
CA ALA A 236 9.13 1.01 -28.80
C ALA A 236 10.57 1.04 -29.33
N GLU A 237 11.08 2.22 -29.66
CA GLU A 237 12.45 2.36 -30.12
C GLU A 237 13.00 3.55 -29.33
N ILE A 238 14.27 3.50 -28.97
CA ILE A 238 14.87 4.53 -28.13
C ILE A 238 16.11 5.05 -28.84
N ARG A 239 16.28 6.36 -28.91
CA ARG A 239 17.48 7.01 -29.40
C ARG A 239 17.65 8.25 -28.54
N LEU A 240 18.89 8.70 -28.41
CA LEU A 240 19.21 9.93 -27.69
C LEU A 240 18.59 11.18 -28.34
N MET A 241 18.28 12.14 -27.48
CA MET A 241 17.81 13.45 -27.91
C MET A 241 19.00 14.11 -28.58
N CYS A 242 18.79 14.68 -29.75
CA CYS A 242 19.91 15.30 -30.46
C CYS A 242 20.09 16.78 -30.17
N THR A 243 19.15 17.47 -29.51
CA THR A 243 19.28 18.89 -29.22
C THR A 243 20.57 19.18 -28.45
N GLU A 244 21.22 20.26 -28.85
CA GLU A 244 22.37 20.77 -28.13
C GLU A 244 22.02 21.20 -26.70
N THR A 245 20.73 21.44 -26.39
CA THR A 245 20.26 21.86 -25.07
C THR A 245 20.09 20.57 -24.25
N TYR A 246 21.19 19.98 -23.77
CA TYR A 246 21.18 18.70 -23.04
C TYR A 246 20.39 18.89 -21.76
N LEU A 247 19.40 18.06 -21.50
CA LEU A 247 18.51 18.30 -20.37
C LEU A 247 18.90 17.59 -19.07
N ASP A 248 19.96 16.81 -19.03
CA ASP A 248 20.33 16.12 -17.81
C ASP A 248 21.25 16.97 -16.95
N THR A 249 21.43 16.55 -15.70
CA THR A 249 22.34 17.16 -14.73
C THR A 249 23.11 15.98 -14.15
N PRO A 250 24.44 15.93 -14.13
CA PRO A 250 25.32 16.91 -14.78
C PRO A 250 25.28 16.91 -16.31
N ARG A 251 25.83 17.93 -16.95
CA ARG A 251 25.86 18.02 -18.40
C ARG A 251 27.04 18.92 -18.77
N PRO A 252 27.65 18.76 -19.94
CA PRO A 252 28.59 19.74 -20.48
C PRO A 252 27.84 20.95 -21.02
N ASP A 253 28.59 21.92 -21.49
CA ASP A 253 28.02 23.13 -22.08
C ASP A 253 27.22 22.75 -23.29
N ASP A 254 26.16 23.50 -23.53
CA ASP A 254 25.31 23.29 -24.69
C ASP A 254 26.12 23.33 -25.98
N GLY A 255 25.81 22.34 -26.80
CA GLY A 255 26.47 22.18 -28.07
C GLY A 255 27.91 21.67 -27.99
N SER A 256 28.49 21.30 -26.84
CA SER A 256 29.86 20.82 -26.82
C SER A 256 30.07 19.36 -27.20
N ILE A 257 29.03 18.54 -27.34
CA ILE A 257 29.20 17.12 -27.67
C ILE A 257 29.24 17.10 -29.20
N THR A 258 30.43 16.84 -29.74
CA THR A 258 30.64 16.78 -31.17
C THR A 258 30.31 15.39 -31.74
N GLY A 259 30.13 15.34 -33.06
CA GLY A 259 29.83 14.08 -33.72
C GLY A 259 28.34 13.98 -33.95
N PRO A 260 27.85 12.85 -34.51
CA PRO A 260 26.41 12.66 -34.80
C PRO A 260 25.51 12.69 -33.54
N CYS A 261 24.20 12.71 -33.77
CA CYS A 261 23.20 12.71 -32.69
C CYS A 261 23.44 11.65 -31.62
N GLU A 262 23.90 10.47 -32.02
CA GLU A 262 24.12 9.36 -31.10
C GLU A 262 25.32 9.52 -30.17
N SER A 263 26.22 10.47 -30.34
CA SER A 263 27.41 10.58 -29.53
C SER A 263 27.09 10.84 -28.07
N ASN A 264 27.76 10.07 -27.22
CA ASN A 264 27.58 10.18 -25.78
C ASN A 264 28.12 11.45 -25.14
N GLY A 265 29.31 11.90 -25.51
CA GLY A 265 29.89 13.09 -24.93
C GLY A 265 30.46 12.88 -23.53
N ASP A 266 30.78 14.02 -22.92
CA ASP A 266 31.41 14.10 -21.61
C ASP A 266 30.36 14.29 -20.50
N LYS A 267 30.74 14.06 -19.24
CA LYS A 267 29.92 14.26 -18.04
C LYS A 267 28.62 13.45 -18.07
N GLY A 268 28.76 12.20 -18.49
CA GLY A 268 27.63 11.31 -18.64
C GLY A 268 27.19 10.63 -17.36
N ARG A 269 28.10 10.37 -16.45
CA ARG A 269 27.83 9.70 -15.18
C ARG A 269 26.97 10.61 -14.30
N GLY A 270 26.00 10.02 -13.62
CA GLY A 270 25.06 10.77 -12.80
C GLY A 270 23.84 11.16 -13.61
N GLY A 271 22.85 11.80 -13.01
CA GLY A 271 21.64 12.16 -13.72
C GLY A 271 20.58 12.75 -12.80
N ILE A 272 19.43 13.05 -13.40
CA ILE A 272 18.29 13.58 -12.68
C ILE A 272 17.07 13.24 -13.54
N LYS A 273 15.92 12.96 -12.94
CA LYS A 273 14.68 12.77 -13.69
C LYS A 273 14.22 14.14 -14.22
N GLY A 274 13.79 14.25 -15.48
CA GLY A 274 13.37 15.52 -16.06
C GLY A 274 11.94 15.62 -16.55
N GLY A 275 11.38 16.82 -16.43
CA GLY A 275 10.03 17.13 -16.88
C GLY A 275 9.94 17.14 -18.38
N PHE A 276 8.78 16.72 -18.87
CA PHE A 276 8.47 16.65 -20.30
C PHE A 276 6.96 16.49 -20.35
N VAL A 277 6.30 17.24 -21.20
CA VAL A 277 4.85 17.15 -21.38
C VAL A 277 4.58 17.68 -22.79
N HIS A 278 3.48 17.23 -23.37
CA HIS A 278 3.07 17.56 -24.74
C HIS A 278 1.93 18.55 -24.79
N GLN A 279 2.00 19.37 -25.82
CA GLN A 279 0.92 20.27 -26.19
C GLN A 279 0.51 19.74 -27.57
N ARG A 280 -0.58 19.03 -27.60
CA ARG A 280 -1.09 18.43 -28.83
C ARG A 280 -2.05 19.41 -29.46
N MET A 281 -1.70 19.92 -30.62
CA MET A 281 -2.57 20.82 -31.38
C MET A 281 -2.97 20.09 -32.65
N ALA A 282 -4.00 20.56 -33.33
CA ALA A 282 -4.51 19.93 -34.55
C ALA A 282 -3.46 19.76 -35.65
N SER A 283 -2.59 20.76 -35.76
CA SER A 283 -1.58 20.83 -36.79
C SER A 283 -0.13 20.55 -36.38
N LYS A 284 0.18 20.70 -35.09
CA LYS A 284 1.56 20.65 -34.64
C LYS A 284 1.59 20.13 -33.23
N ILE A 285 2.79 19.79 -32.77
CA ILE A 285 3.00 19.22 -31.45
C ILE A 285 4.10 20.04 -30.81
N GLY A 286 3.88 20.49 -29.60
CA GLY A 286 4.92 21.16 -28.82
C GLY A 286 5.42 20.19 -27.77
N ARG A 287 6.71 20.16 -27.52
CA ARG A 287 7.31 19.30 -26.50
C ARG A 287 7.97 20.29 -25.57
N TRP A 288 7.49 20.27 -24.33
CA TRP A 288 7.95 21.15 -23.26
C TRP A 288 8.83 20.32 -22.32
N TYR A 289 9.94 20.87 -21.89
CA TYR A 289 10.93 20.18 -21.07
C TYR A 289 11.44 21.16 -19.99
N SER A 290 12.07 20.61 -18.98
CA SER A 290 12.69 21.42 -17.95
C SER A 290 14.06 20.83 -17.61
N ARG A 291 15.00 21.65 -17.17
CA ARG A 291 16.29 21.19 -16.70
C ARG A 291 16.76 22.16 -15.63
N THR A 292 17.69 21.78 -14.77
CA THR A 292 18.19 22.66 -13.73
C THR A 292 18.93 23.85 -14.36
N MET A 293 19.18 24.88 -13.57
CA MET A 293 19.93 26.02 -14.08
C MET A 293 21.42 25.67 -13.90
N SER A 294 21.78 24.97 -12.84
CA SER A 294 23.18 24.59 -12.65
C SER A 294 23.40 23.46 -13.65
N LYS A 295 24.60 23.43 -14.21
CA LYS A 295 25.02 22.33 -15.07
C LYS A 295 25.44 21.10 -14.28
N THR A 296 25.82 21.27 -13.00
CA THR A 296 26.32 20.18 -12.17
C THR A 296 25.56 19.85 -10.88
N GLU A 297 24.83 20.79 -10.29
CA GLU A 297 24.12 20.58 -9.02
C GLU A 297 22.63 20.74 -9.29
N ARG A 298 21.81 20.24 -8.38
CA ARG A 298 20.36 20.32 -8.49
C ARG A 298 19.84 21.66 -7.93
N MET A 299 20.20 22.72 -8.65
CA MET A 299 19.86 24.09 -8.30
C MET A 299 19.24 24.75 -9.54
N GLY A 300 18.15 25.46 -9.31
CA GLY A 300 17.38 26.15 -10.34
C GLY A 300 16.58 25.21 -11.25
N MET A 301 15.71 25.73 -12.10
CA MET A 301 14.90 24.96 -13.06
C MET A 301 14.32 25.93 -14.07
N GLU A 302 14.60 25.66 -15.34
CA GLU A 302 14.20 26.46 -16.50
C GLU A 302 13.36 25.60 -17.44
N LEU A 303 12.44 26.28 -18.16
CA LEU A 303 11.51 25.73 -19.14
C LEU A 303 12.05 25.93 -20.55
N TYR A 304 11.77 24.97 -21.42
CA TYR A 304 12.16 24.98 -22.82
C TYR A 304 11.04 24.35 -23.63
N VAL A 305 10.85 24.78 -24.87
CA VAL A 305 9.83 24.19 -25.73
C VAL A 305 10.39 24.04 -27.14
N ARG A 306 9.92 23.04 -27.88
CA ARG A 306 10.21 22.97 -29.30
C ARG A 306 8.97 22.38 -29.95
N TYR A 307 8.60 22.99 -31.06
CA TYR A 307 7.47 22.57 -31.87
C TYR A 307 8.02 21.76 -33.02
N ASP A 308 7.38 20.61 -33.19
CA ASP A 308 7.62 19.66 -34.28
C ASP A 308 9.05 19.14 -34.42
N GLY A 309 9.34 18.54 -35.57
CA GLY A 309 10.66 18.04 -35.86
C GLY A 309 10.80 16.64 -35.33
N ASP A 310 12.01 16.13 -35.27
CA ASP A 310 12.22 14.81 -34.76
C ASP A 310 13.29 15.03 -33.69
N PRO A 311 12.92 14.82 -32.42
CA PRO A 311 13.85 14.93 -31.29
C PRO A 311 15.12 14.10 -31.44
N TRP A 312 15.06 13.03 -32.23
CA TRP A 312 16.19 12.17 -32.49
C TRP A 312 17.19 12.73 -33.48
N THR A 313 16.79 13.57 -34.44
CA THR A 313 17.72 14.06 -35.45
C THR A 313 18.05 15.55 -35.39
N ASP A 314 17.26 16.34 -34.66
CA ASP A 314 17.46 17.79 -34.62
C ASP A 314 18.39 18.30 -33.53
N SER A 315 19.54 18.83 -33.91
CA SER A 315 20.51 19.41 -32.97
C SER A 315 20.18 20.81 -32.47
N ASP A 316 19.21 21.48 -33.08
CA ASP A 316 18.80 22.85 -32.72
C ASP A 316 18.49 22.99 -31.24
N ALA A 317 18.90 24.13 -30.70
CA ALA A 317 18.63 24.55 -29.32
C ALA A 317 17.12 24.68 -29.11
N LEU A 318 16.66 24.25 -27.94
CA LEU A 318 15.24 24.35 -27.57
C LEU A 318 15.00 25.82 -27.23
N ALA A 319 13.78 26.32 -27.34
CA ALA A 319 13.55 27.73 -27.05
C ALA A 319 13.37 27.93 -25.55
N HIS A 320 14.26 28.71 -24.94
CA HIS A 320 14.17 29.07 -23.53
C HIS A 320 12.83 29.79 -23.24
N SER A 321 12.08 29.24 -22.29
CA SER A 321 10.75 29.73 -21.97
C SER A 321 10.47 30.09 -20.51
N GLY A 322 11.48 30.56 -19.79
CA GLY A 322 11.29 31.05 -18.42
C GLY A 322 12.03 30.29 -17.34
N VAL A 323 12.33 31.01 -16.27
CA VAL A 323 13.03 30.51 -15.08
C VAL A 323 11.91 30.20 -14.08
N MET A 324 11.70 28.94 -13.78
CA MET A 324 10.65 28.52 -12.85
C MET A 324 11.18 28.57 -11.42
N VAL A 325 12.45 28.21 -11.23
CA VAL A 325 13.08 28.16 -9.92
C VAL A 325 14.42 28.85 -10.17
N SER A 326 14.81 29.88 -9.41
CA SER A 326 16.09 30.56 -9.64
C SER A 326 17.26 29.68 -9.22
N MET A 327 18.49 30.07 -9.53
CA MET A 327 19.65 29.28 -9.10
C MET A 327 19.86 29.29 -7.58
N LYS A 328 19.24 30.21 -6.84
CA LYS A 328 19.34 30.24 -5.38
C LYS A 328 18.48 29.15 -4.75
N GLU A 329 17.56 28.56 -5.50
CA GLU A 329 16.64 27.59 -4.94
C GLU A 329 16.94 26.17 -5.44
N PRO A 330 16.62 25.14 -4.63
CA PRO A 330 16.75 23.73 -5.01
C PRO A 330 15.90 23.27 -6.20
N GLY A 331 16.44 22.59 -7.19
CA GLY A 331 15.67 22.13 -8.33
C GLY A 331 16.05 20.69 -8.55
N TRP A 332 15.23 19.72 -8.13
CA TRP A 332 15.59 18.31 -8.20
C TRP A 332 14.73 17.61 -9.25
N TYR A 333 13.94 16.56 -9.00
CA TYR A 333 13.21 15.89 -10.07
C TYR A 333 12.11 16.76 -10.67
N SER A 334 11.77 16.61 -11.93
CA SER A 334 10.65 17.35 -12.49
C SER A 334 9.90 16.35 -13.36
N PHE A 335 8.62 16.55 -13.60
CA PHE A 335 7.79 15.55 -14.28
C PHE A 335 6.71 16.25 -15.07
N GLY A 336 6.18 15.66 -16.12
CA GLY A 336 5.04 16.27 -16.78
C GLY A 336 3.75 15.61 -16.32
N PHE A 337 2.63 16.31 -16.43
CA PHE A 337 1.31 15.73 -16.20
C PHE A 337 0.31 16.65 -16.90
N GLU A 338 -0.94 16.23 -16.97
CA GLU A 338 -2.00 16.94 -17.67
C GLU A 338 -3.25 16.97 -16.79
N ILE A 339 -3.88 18.13 -16.73
CA ILE A 339 -5.11 18.36 -15.98
C ILE A 339 -6.20 18.33 -17.05
N LYS A 340 -7.34 17.73 -16.76
CA LYS A 340 -8.44 17.60 -17.70
C LYS A 340 -9.41 18.75 -17.49
N ASP A 341 -9.50 19.59 -18.52
CA ASP A 341 -10.52 20.65 -18.54
C ASP A 341 -11.76 20.00 -19.16
N LYS A 342 -12.86 20.71 -19.39
CA LYS A 342 -14.10 20.14 -19.90
C LYS A 342 -13.91 19.50 -21.28
N LYS A 343 -13.25 20.19 -22.20
CA LYS A 343 -13.11 19.73 -23.57
C LYS A 343 -11.66 19.55 -23.98
N CYS A 344 -10.67 19.84 -23.15
CA CYS A 344 -9.29 19.74 -23.59
C CYS A 344 -8.36 19.52 -22.40
N ASP A 345 -7.12 19.15 -22.66
CA ASP A 345 -6.13 18.84 -21.63
C ASP A 345 -5.14 19.98 -21.45
N VAL A 346 -4.80 20.28 -20.21
CA VAL A 346 -3.90 21.38 -19.84
C VAL A 346 -2.58 20.73 -19.46
N PRO A 347 -1.50 20.90 -20.24
CA PRO A 347 -0.17 20.37 -19.92
C PRO A 347 0.54 21.14 -18.81
N CYS A 348 1.17 20.42 -17.89
CA CYS A 348 1.85 21.00 -16.74
C CYS A 348 3.16 20.30 -16.47
N ILE A 349 4.08 20.94 -15.77
CA ILE A 349 5.34 20.34 -15.33
C ILE A 349 5.38 20.64 -13.83
N GLY A 350 5.71 19.63 -13.04
CA GLY A 350 5.85 19.76 -11.61
C GLY A 350 7.33 19.65 -11.26
N ILE A 351 7.78 20.28 -10.18
CA ILE A 351 9.19 20.34 -9.85
C ILE A 351 9.30 20.00 -8.37
N GLU A 352 10.18 19.05 -8.08
CA GLU A 352 10.50 18.64 -6.73
C GLU A 352 11.61 19.57 -6.25
N MET A 353 11.39 20.29 -5.16
CA MET A 353 12.36 21.23 -4.62
C MET A 353 12.79 20.68 -3.26
N VAL A 354 13.85 19.88 -3.26
CA VAL A 354 14.30 19.21 -2.04
C VAL A 354 14.99 20.15 -1.05
N HIS A 355 14.69 19.92 0.22
CA HIS A 355 15.31 20.63 1.32
C HIS A 355 16.42 19.65 1.72
N ASP A 356 17.66 20.03 1.38
CA ASP A 356 18.80 19.20 1.69
C ASP A 356 19.73 19.94 2.65
N GLY A 357 19.92 19.39 3.84
CA GLY A 357 20.91 19.88 4.78
C GLY A 357 21.86 18.73 5.08
N GLY A 358 21.90 17.73 4.21
CA GLY A 358 22.73 16.56 4.38
C GLY A 358 22.08 15.57 5.33
N LYS A 359 22.79 14.47 5.55
CA LYS A 359 22.39 13.34 6.39
C LYS A 359 22.19 13.61 7.89
N LYS A 360 22.76 14.68 8.44
CA LYS A 360 22.67 14.97 9.86
C LYS A 360 21.29 15.51 10.24
N THR A 361 20.39 15.79 9.27
CA THR A 361 19.07 16.32 9.57
C THR A 361 18.01 15.73 8.63
N TRP A 362 16.77 16.17 8.70
CA TRP A 362 15.69 15.66 7.85
C TRP A 362 15.93 16.04 6.39
N HIS A 363 15.31 15.28 5.49
CA HIS A 363 15.51 15.43 4.06
C HIS A 363 14.12 15.33 3.48
N SER A 364 13.56 16.30 2.77
CA SER A 364 12.24 16.15 2.20
C SER A 364 12.07 17.15 1.06
N ALA A 365 10.88 17.41 0.53
CA ALA A 365 10.74 18.27 -0.65
C ALA A 365 9.42 18.99 -0.70
N ALA A 366 9.44 20.08 -1.46
CA ALA A 366 8.25 20.84 -1.82
C ALA A 366 7.97 20.49 -3.30
N THR A 367 6.76 20.75 -3.80
CA THR A 367 6.39 20.52 -5.20
C THR A 367 5.84 21.83 -5.79
N ALA A 368 6.45 22.35 -6.85
CA ALA A 368 5.97 23.55 -7.56
C ALA A 368 5.33 23.10 -8.88
N ILE A 369 4.24 23.73 -9.29
CA ILE A 369 3.52 23.37 -10.51
C ILE A 369 3.46 24.56 -11.45
N TYR A 370 3.84 24.36 -12.71
CA TYR A 370 3.68 25.35 -13.80
C TYR A 370 2.81 24.68 -14.85
N CYS A 371 1.92 25.41 -15.50
CA CYS A 371 0.99 24.87 -16.48
C CYS A 371 0.84 25.87 -17.63
N LEU A 372 0.49 25.36 -18.81
CA LEU A 372 0.18 26.17 -19.98
C LEU A 372 -0.96 27.07 -19.55
N MET A 373 -0.83 28.37 -19.78
CA MET A 373 -1.81 29.35 -19.37
C MET A 373 -1.67 30.63 -20.19
N GLY A 374 -2.64 30.95 -21.07
CA GLY A 374 -2.64 32.16 -21.88
C GLY A 374 -1.47 32.30 -22.84
N SER A 375 -1.15 33.54 -23.19
CA SER A 375 -0.04 33.87 -24.08
C SER A 375 0.95 34.83 -23.46
N GLY A 376 2.03 35.20 -24.14
CA GLY A 376 3.03 36.07 -23.56
C GLY A 376 4.16 35.20 -23.09
N GLN A 377 4.76 35.51 -21.95
CA GLN A 377 5.90 34.76 -21.43
C GLN A 377 5.78 34.54 -19.93
N LEU A 378 6.52 33.55 -19.44
CA LEU A 378 6.50 33.13 -18.05
C LEU A 378 6.98 34.28 -17.17
N LEU A 379 6.16 34.56 -16.17
CA LEU A 379 6.33 35.77 -15.38
C LEU A 379 6.92 35.64 -13.98
N TRP A 380 6.78 34.54 -13.25
CA TRP A 380 7.32 34.50 -11.87
C TRP A 380 7.88 33.14 -11.54
N ASP A 381 8.86 33.15 -10.64
CA ASP A 381 9.57 31.96 -10.14
C ASP A 381 9.02 31.50 -8.78
N THR A 382 9.44 30.33 -8.33
CA THR A 382 8.96 29.71 -7.09
C THR A 382 10.07 29.53 -6.05
N VAL A 383 9.85 29.92 -4.80
CA VAL A 383 10.79 29.72 -3.72
C VAL A 383 10.05 28.79 -2.77
N THR A 384 10.67 27.89 -2.02
CA THR A 384 9.86 27.03 -1.12
C THR A 384 9.45 27.78 0.15
N GLY A 385 10.26 28.78 0.52
CA GLY A 385 10.08 29.55 1.74
C GLY A 385 10.54 28.84 3.02
N VAL A 386 11.14 27.65 2.98
CA VAL A 386 11.50 26.93 4.20
C VAL A 386 12.93 27.19 4.68
N ASP A 387 13.02 27.46 5.98
CA ASP A 387 14.27 27.62 6.66
C ASP A 387 14.43 26.29 7.39
N MET A 388 15.38 25.49 6.95
CA MET A 388 15.63 24.17 7.55
C MET A 388 16.07 24.17 9.00
N ALA A 389 16.41 25.30 9.62
CA ALA A 389 16.79 25.34 11.02
C ALA A 389 15.62 25.43 12.00
N LEU A 390 14.41 25.79 11.57
CA LEU A 390 13.28 25.95 12.47
C LEU A 390 12.65 24.60 12.85
N GLU B 1 -31.75 -2.17 -5.00
CA GLU B 1 -30.78 -1.82 -3.92
C GLU B 1 -29.49 -2.39 -4.53
N PRO B 2 -28.25 -2.19 -4.00
CA PRO B 2 -27.08 -3.02 -4.35
C PRO B 2 -27.40 -4.48 -4.02
N GLU B 3 -26.66 -5.45 -4.50
CA GLU B 3 -27.02 -6.80 -4.15
C GLU B 3 -26.05 -7.36 -3.14
N TRP B 4 -26.51 -8.46 -2.57
CA TRP B 4 -25.78 -9.24 -1.61
C TRP B 4 -24.52 -9.82 -2.25
N THR B 5 -23.49 -9.74 -1.42
CA THR B 5 -22.18 -10.32 -1.66
C THR B 5 -22.20 -11.85 -1.45
N TYR B 6 -21.42 -12.55 -2.27
CA TYR B 6 -21.22 -14.00 -2.23
C TYR B 6 -19.70 -14.15 -2.37
N PRO B 7 -18.99 -15.12 -1.76
CA PRO B 7 -17.62 -15.46 -2.11
C PRO B 7 -17.50 -15.77 -3.60
N ARG B 8 -16.41 -15.41 -4.23
CA ARG B 8 -16.20 -15.68 -5.66
C ARG B 8 -14.89 -16.45 -5.73
N LEU B 9 -14.43 -16.84 -6.91
CA LEU B 9 -13.11 -17.48 -7.00
C LEU B 9 -12.06 -16.38 -6.79
N SER B 10 -10.93 -16.82 -6.27
CA SER B 10 -9.86 -15.91 -5.97
C SER B 10 -9.15 -15.45 -7.25
N CYS B 11 -8.58 -14.25 -7.21
CA CYS B 11 -7.76 -13.72 -8.30
C CYS B 11 -6.60 -14.68 -8.47
N GLN B 12 -6.16 -14.83 -9.70
CA GLN B 12 -5.02 -15.69 -10.04
C GLN B 12 -3.77 -15.22 -9.30
N GLY B 13 -2.95 -16.16 -8.84
CA GLY B 13 -1.69 -15.83 -8.16
C GLY B 13 -1.17 -17.04 -7.42
N SER B 14 0.08 -17.07 -6.96
CA SER B 14 0.60 -18.25 -6.26
C SER B 14 1.55 -17.97 -5.09
N THR B 15 1.73 -16.71 -4.72
CA THR B 15 2.55 -16.36 -3.58
C THR B 15 1.93 -15.09 -3.04
N PHE B 16 2.17 -14.85 -1.76
CA PHE B 16 1.82 -13.61 -1.11
C PHE B 16 3.05 -12.74 -1.26
N GLN B 17 2.85 -11.44 -1.08
CA GLN B 17 3.88 -10.42 -1.08
C GLN B 17 3.44 -9.31 -0.11
N LYS B 18 4.45 -8.64 0.44
CA LYS B 18 4.29 -7.52 1.34
C LYS B 18 3.53 -6.42 0.63
N ALA B 19 2.39 -6.06 1.23
CA ALA B 19 1.51 -5.08 0.65
C ALA B 19 1.57 -3.69 1.32
N LEU B 20 1.25 -3.60 2.61
CA LEU B 20 1.07 -2.33 3.29
C LEU B 20 1.40 -2.52 4.77
N LEU B 21 1.90 -1.46 5.38
CA LEU B 21 2.26 -1.40 6.80
C LEU B 21 1.54 -0.12 7.25
N ILE B 22 0.75 -0.22 8.31
CA ILE B 22 0.12 0.94 8.93
C ILE B 22 0.84 0.95 10.27
N SER B 23 1.77 1.87 10.45
CA SER B 23 2.51 1.94 11.69
C SER B 23 2.24 3.31 12.30
N PRO B 24 1.15 3.47 13.07
CA PRO B 24 0.71 4.79 13.59
C PRO B 24 1.70 5.47 14.53
N HIS B 25 2.44 4.67 15.29
CA HIS B 25 3.33 5.18 16.33
C HIS B 25 4.67 5.62 15.81
N ARG B 26 4.81 5.54 14.50
CA ARG B 26 5.93 6.18 13.81
C ARG B 26 5.74 7.68 13.93
N PHE B 27 4.55 8.10 14.35
CA PHE B 27 4.24 9.51 14.52
C PHE B 27 3.87 9.82 15.96
N GLY B 28 4.22 8.99 16.95
CA GLY B 28 3.79 9.24 18.30
C GLY B 28 4.82 9.82 19.24
N GLU B 29 5.95 10.29 18.72
CA GLU B 29 7.05 10.89 19.51
C GLU B 29 6.55 12.04 20.34
N ALA B 30 7.10 12.22 21.51
CA ALA B 30 6.73 13.33 22.38
C ALA B 30 7.01 14.68 21.69
N ARG B 31 7.96 14.77 20.78
CA ARG B 31 8.23 16.04 20.12
C ARG B 31 7.52 16.20 18.77
N GLY B 32 6.66 15.24 18.44
CA GLY B 32 5.91 15.28 17.20
C GLY B 32 4.59 15.98 17.45
N ASN B 33 3.73 16.09 16.44
CA ASN B 33 2.42 16.72 16.56
C ASN B 33 1.31 15.77 16.10
N SER B 34 1.38 14.47 16.39
CA SER B 34 0.32 13.55 16.00
C SER B 34 -0.31 12.88 17.22
N ALA B 35 -1.48 12.32 16.95
CA ALA B 35 -2.25 11.62 17.96
C ALA B 35 -2.69 10.26 17.42
N PRO B 36 -1.76 9.32 17.10
CA PRO B 36 -2.14 7.92 16.88
C PRO B 36 -2.84 7.36 18.13
N LEU B 37 -3.93 6.62 17.90
CA LEU B 37 -4.69 6.02 18.98
C LEU B 37 -3.96 4.77 19.49
N ILE B 38 -4.04 4.53 20.78
CA ILE B 38 -3.50 3.33 21.37
C ILE B 38 -4.60 2.29 21.10
N ILE B 39 -4.21 1.18 20.47
CA ILE B 39 -5.14 0.14 20.04
C ILE B 39 -4.49 -1.22 20.27
N ARG B 40 -5.32 -2.24 20.19
CA ARG B 40 -4.88 -3.63 20.03
C ARG B 40 -6.04 -4.32 19.32
N GLU B 41 -5.82 -5.59 19.00
CA GLU B 41 -6.73 -6.45 18.23
C GLU B 41 -7.26 -5.77 16.95
N PRO B 42 -6.36 -5.31 16.04
CA PRO B 42 -6.73 -4.83 14.72
C PRO B 42 -7.19 -5.94 13.79
N PHE B 43 -8.02 -5.60 12.83
CA PHE B 43 -8.44 -6.53 11.79
C PHE B 43 -8.95 -5.69 10.63
N ILE B 44 -9.13 -6.30 9.47
CA ILE B 44 -9.58 -5.57 8.28
C ILE B 44 -10.76 -6.36 7.72
N ALA B 45 -11.73 -5.65 7.17
CA ALA B 45 -12.91 -6.21 6.54
C ALA B 45 -13.15 -5.30 5.33
N CYS B 46 -13.51 -5.86 4.18
CA CYS B 46 -13.74 -5.10 2.96
C CYS B 46 -15.17 -5.30 2.43
N GLY B 47 -15.72 -4.27 1.82
CA GLY B 47 -16.97 -4.34 1.10
C GLY B 47 -16.66 -4.32 -0.40
N PRO B 48 -17.59 -4.05 -1.33
CA PRO B 48 -17.27 -3.99 -2.77
C PRO B 48 -16.30 -2.86 -3.11
N LYS B 49 -16.36 -1.73 -2.39
CA LYS B 49 -15.59 -0.54 -2.75
C LYS B 49 -14.41 -0.20 -1.85
N GLU B 50 -14.40 -0.59 -0.59
CA GLU B 50 -13.31 -0.19 0.30
C GLU B 50 -13.15 -1.18 1.43
N CYS B 51 -11.99 -1.06 2.04
CA CYS B 51 -11.62 -1.85 3.20
C CYS B 51 -11.56 -0.92 4.39
N LYS B 52 -11.97 -1.40 5.55
CA LYS B 52 -11.83 -0.66 6.78
C LYS B 52 -10.90 -1.42 7.70
N HIS B 53 -10.05 -0.66 8.37
CA HIS B 53 -9.07 -1.18 9.29
C HIS B 53 -9.64 -0.85 10.66
N PHE B 54 -10.11 -1.90 11.34
CA PHE B 54 -10.73 -1.80 12.65
C PHE B 54 -9.71 -2.13 13.72
N ALA B 55 -10.00 -1.77 14.96
CA ALA B 55 -9.13 -2.05 16.10
C ALA B 55 -9.92 -1.72 17.37
N LEU B 56 -9.37 -2.04 18.52
CA LEU B 56 -10.04 -1.85 19.79
C LEU B 56 -9.13 -0.84 20.51
N THR B 57 -9.56 0.41 20.52
CA THR B 57 -8.75 1.46 21.12
C THR B 57 -8.88 1.43 22.64
N HIS B 58 -7.87 1.96 23.31
CA HIS B 58 -7.95 2.18 24.74
C HIS B 58 -8.42 3.60 25.02
N TYR B 59 -8.82 4.34 23.98
CA TYR B 59 -9.38 5.69 24.07
C TYR B 59 -8.34 6.63 24.70
N ALA B 60 -7.15 6.58 24.13
CA ALA B 60 -5.98 7.31 24.60
C ALA B 60 -5.06 7.43 23.38
N ALA B 61 -4.25 8.47 23.29
CA ALA B 61 -3.33 8.68 22.17
C ALA B 61 -1.91 8.71 22.73
N GLN B 62 -0.94 8.63 21.82
CA GLN B 62 0.49 8.73 22.11
C GLN B 62 0.98 9.95 21.32
N PRO B 63 1.63 10.99 21.90
CA PRO B 63 1.86 11.15 23.33
C PRO B 63 0.59 11.45 24.12
N GLY B 64 0.59 11.05 25.38
CA GLY B 64 -0.57 11.26 26.20
C GLY B 64 -0.27 10.90 27.63
N GLY B 65 -1.29 11.03 28.46
CA GLY B 65 -1.16 10.86 29.89
C GLY B 65 -2.00 9.72 30.41
N TYR B 66 -2.56 8.87 29.56
CA TYR B 66 -3.37 7.77 30.06
C TYR B 66 -2.82 6.38 29.78
N TYR B 67 -1.49 6.24 29.81
CA TYR B 67 -0.86 4.94 29.57
C TYR B 67 -1.15 3.88 30.64
N ASN B 68 -1.50 4.23 31.88
CA ASN B 68 -1.74 3.22 32.92
C ASN B 68 -3.08 2.61 32.57
N GLY B 69 -3.06 1.32 32.33
CA GLY B 69 -4.26 0.63 31.88
C GLY B 69 -4.13 0.12 30.45
N THR B 70 -3.24 0.63 29.59
CA THR B 70 -3.21 0.17 28.22
C THR B 70 -2.70 -1.29 27.99
N ARG B 71 -2.31 -1.99 29.03
CA ARG B 71 -1.95 -3.40 28.89
C ARG B 71 -3.14 -4.27 29.34
N GLU B 72 -4.18 -3.65 29.90
CA GLU B 72 -5.41 -4.33 30.27
C GLU B 72 -6.17 -4.64 28.98
N ASP B 73 -7.00 -5.66 29.10
CA ASP B 73 -7.85 -6.05 28.01
C ASP B 73 -9.17 -5.32 28.20
N ARG B 74 -9.88 -5.58 29.28
CA ARG B 74 -11.24 -5.11 29.41
C ARG B 74 -11.27 -4.01 30.45
N ASN B 75 -12.00 -2.96 30.11
CA ASN B 75 -12.18 -1.74 30.91
C ASN B 75 -13.30 -0.98 30.21
N LYS B 76 -13.91 -0.01 30.90
CA LYS B 76 -15.06 0.71 30.36
C LYS B 76 -14.80 1.72 29.25
N LEU B 77 -13.57 1.89 28.80
CA LEU B 77 -13.22 2.90 27.81
C LEU B 77 -12.93 2.30 26.43
N ARG B 78 -12.64 1.01 26.36
CA ARG B 78 -12.36 0.32 25.10
C ARG B 78 -13.50 0.49 24.11
N HIS B 79 -13.18 0.79 22.85
CA HIS B 79 -14.20 1.02 21.82
C HIS B 79 -13.70 0.46 20.51
N LEU B 80 -14.64 0.00 19.70
CA LEU B 80 -14.36 -0.42 18.34
C LEU B 80 -14.27 0.87 17.49
N ILE B 81 -13.19 1.04 16.73
CA ILE B 81 -12.97 2.21 15.87
C ILE B 81 -12.56 1.76 14.47
N SER B 82 -12.57 2.64 13.46
CA SER B 82 -12.01 2.33 12.16
C SER B 82 -11.65 3.58 11.38
N VAL B 83 -10.76 3.33 10.44
CA VAL B 83 -10.36 4.25 9.38
C VAL B 83 -10.43 3.44 8.08
N LYS B 84 -10.48 4.11 6.93
CA LYS B 84 -10.40 3.46 5.62
C LYS B 84 -8.97 2.90 5.58
N LEU B 85 -8.76 1.67 5.12
CA LEU B 85 -7.44 1.06 5.06
C LEU B 85 -6.52 2.01 4.28
N GLY B 86 -5.40 2.35 4.91
CA GLY B 86 -4.46 3.27 4.31
C GLY B 86 -4.41 4.61 5.04
N LYS B 87 -5.41 4.94 5.85
CA LYS B 87 -5.39 6.15 6.67
C LYS B 87 -4.74 5.82 8.00
N ILE B 88 -4.06 6.73 8.67
CA ILE B 88 -3.41 6.47 9.94
C ILE B 88 -4.50 6.60 11.01
N PRO B 89 -4.79 5.57 11.82
CA PRO B 89 -5.83 5.62 12.86
C PRO B 89 -5.44 6.52 14.04
N THR B 90 -5.75 7.75 13.79
CA THR B 90 -5.43 8.83 14.69
C THR B 90 -6.76 9.27 15.35
N VAL B 91 -6.69 10.13 16.36
CA VAL B 91 -7.86 10.65 17.09
C VAL B 91 -8.92 11.24 16.15
N GLU B 92 -8.53 12.10 15.20
CA GLU B 92 -9.48 12.74 14.28
C GLU B 92 -9.80 11.88 13.07
N ASN B 93 -8.96 10.93 12.66
CA ASN B 93 -9.29 10.18 11.45
C ASN B 93 -10.27 9.05 11.70
N SER B 94 -10.21 8.46 12.89
CA SER B 94 -11.07 7.35 13.26
C SER B 94 -12.54 7.74 13.50
N ILE B 95 -13.40 6.72 13.36
CA ILE B 95 -14.81 6.81 13.73
C ILE B 95 -14.87 5.83 14.89
N PHE B 96 -15.60 6.19 15.92
CA PHE B 96 -15.84 5.34 17.09
C PHE B 96 -17.21 4.76 16.85
N HIS B 97 -17.25 3.45 16.65
CA HIS B 97 -18.49 2.72 16.39
C HIS B 97 -19.28 2.34 17.64
N MET B 98 -18.69 1.74 18.69
CA MET B 98 -19.44 1.40 19.90
C MET B 98 -18.44 1.04 21.00
N ALA B 99 -18.91 1.00 22.24
CA ALA B 99 -18.11 0.64 23.41
C ALA B 99 -17.98 -0.87 23.28
N ALA B 100 -16.75 -1.36 23.34
CA ALA B 100 -16.49 -2.75 23.05
C ALA B 100 -15.09 -3.09 23.46
N TRP B 101 -14.91 -4.19 24.17
CA TRP B 101 -13.57 -4.70 24.41
C TRP B 101 -13.35 -5.99 23.64
N SER B 102 -14.30 -6.41 22.80
CA SER B 102 -14.18 -7.56 21.89
C SER B 102 -14.98 -7.15 20.65
N GLY B 103 -14.50 -7.40 19.43
CA GLY B 103 -15.20 -6.96 18.24
C GLY B 103 -15.07 -7.82 16.99
N SER B 104 -15.88 -7.46 15.99
CA SER B 104 -15.92 -8.04 14.65
C SER B 104 -16.74 -7.05 13.80
N ALA B 105 -16.72 -7.22 12.49
CA ALA B 105 -17.46 -6.39 11.54
C ALA B 105 -17.35 -7.04 10.19
N CYS B 106 -18.32 -6.77 9.33
CA CYS B 106 -18.29 -7.26 7.97
C CYS B 106 -19.42 -6.59 7.19
N HIS B 107 -19.29 -6.65 5.88
CA HIS B 107 -20.17 -5.98 4.93
C HIS B 107 -20.87 -7.11 4.16
N ASP B 108 -22.19 -7.03 4.02
CA ASP B 108 -22.99 -8.00 3.29
C ASP B 108 -23.30 -7.70 1.80
N GLY B 109 -22.72 -6.63 1.27
CA GLY B 109 -22.99 -6.19 -0.08
C GLY B 109 -23.72 -4.89 -0.07
N ARG B 110 -24.59 -4.68 0.92
CA ARG B 110 -25.36 -3.44 1.06
C ARG B 110 -24.90 -2.51 2.20
N GLU B 111 -24.74 -3.03 3.40
CA GLU B 111 -24.38 -2.24 4.57
C GLU B 111 -23.36 -2.99 5.45
N TRP B 112 -22.81 -2.28 6.43
CA TRP B 112 -21.86 -2.79 7.40
C TRP B 112 -22.59 -3.23 8.68
N THR B 113 -22.12 -4.32 9.29
CA THR B 113 -22.61 -4.84 10.57
C THR B 113 -21.35 -4.77 11.42
N TYR B 114 -21.48 -4.20 12.62
CA TYR B 114 -20.40 -4.01 13.60
C TYR B 114 -20.83 -4.78 14.84
N ILE B 115 -19.92 -5.51 15.47
CA ILE B 115 -20.22 -6.31 16.64
C ILE B 115 -19.21 -5.91 17.71
N GLY B 116 -19.71 -5.61 18.89
CA GLY B 116 -18.88 -5.27 20.03
C GLY B 116 -19.38 -6.02 21.26
N VAL B 117 -18.52 -6.33 22.23
CA VAL B 117 -18.94 -7.01 23.44
C VAL B 117 -18.39 -6.14 24.55
N ASP B 118 -19.23 -5.84 25.54
CA ASP B 118 -18.76 -5.20 26.76
C ASP B 118 -19.71 -5.63 27.88
N GLY B 119 -19.61 -5.10 29.08
CA GLY B 119 -20.43 -5.57 30.17
C GLY B 119 -19.51 -6.23 31.16
N PRO B 120 -19.93 -6.56 32.39
CA PRO B 120 -19.07 -7.21 33.39
C PRO B 120 -18.65 -8.60 32.91
N ASP B 121 -17.48 -9.10 33.33
CA ASP B 121 -16.98 -10.41 32.89
C ASP B 121 -17.95 -11.55 33.05
N SER B 122 -18.68 -11.56 34.14
CA SER B 122 -19.64 -12.59 34.46
C SER B 122 -20.92 -12.48 33.64
N ASN B 123 -21.20 -11.31 33.09
CA ASN B 123 -22.44 -11.05 32.37
C ASN B 123 -22.27 -10.09 31.18
N ALA B 124 -21.32 -10.38 30.32
CA ALA B 124 -21.02 -9.56 29.15
C ALA B 124 -22.10 -9.71 28.08
N LEU B 125 -22.00 -8.89 27.04
CA LEU B 125 -23.06 -8.79 26.04
C LEU B 125 -22.54 -8.46 24.65
N ILE B 126 -23.02 -9.22 23.67
CA ILE B 126 -22.77 -9.02 22.23
C ILE B 126 -23.72 -7.87 21.84
N LYS B 127 -23.29 -6.85 21.12
CA LYS B 127 -24.15 -5.77 20.66
C LYS B 127 -23.91 -5.70 19.16
N ILE B 128 -25.00 -5.65 18.40
CA ILE B 128 -24.91 -5.61 16.95
C ILE B 128 -25.43 -4.25 16.49
N LYS B 129 -24.78 -3.71 15.48
CA LYS B 129 -25.14 -2.44 14.90
C LYS B 129 -25.14 -2.64 13.38
N TYR B 130 -26.19 -2.18 12.70
CA TYR B 130 -26.26 -2.28 11.26
C TYR B 130 -26.27 -0.83 10.77
N GLY B 131 -25.18 -0.44 10.13
CA GLY B 131 -25.01 0.94 9.76
C GLY B 131 -24.90 1.76 11.02
N GLU B 132 -25.78 2.73 11.13
CA GLU B 132 -25.80 3.63 12.27
C GLU B 132 -26.67 3.09 13.39
N ALA B 133 -27.55 2.13 13.10
CA ALA B 133 -28.53 1.70 14.09
C ALA B 133 -28.09 0.51 14.92
N TYR B 134 -28.32 0.59 16.23
CA TYR B 134 -28.06 -0.53 17.12
C TYR B 134 -29.30 -1.40 16.92
N THR B 135 -29.10 -2.65 16.50
CA THR B 135 -30.20 -3.54 16.14
C THR B 135 -30.48 -4.74 17.04
N ASP B 136 -29.52 -5.29 17.79
CA ASP B 136 -29.80 -6.51 18.56
C ASP B 136 -28.68 -6.81 19.53
N THR B 137 -28.87 -7.72 20.48
CA THR B 137 -27.83 -8.12 21.44
C THR B 137 -27.95 -9.61 21.67
N TYR B 138 -26.95 -10.19 22.33
CA TYR B 138 -26.98 -11.61 22.70
C TYR B 138 -26.24 -11.74 24.02
N HIS B 139 -26.90 -12.44 24.94
CA HIS B 139 -26.42 -12.60 26.31
C HIS B 139 -25.44 -13.75 26.51
N SER B 140 -24.66 -13.56 27.56
CA SER B 140 -23.72 -14.53 28.10
C SER B 140 -24.46 -15.82 28.48
N TYR B 141 -23.97 -16.97 28.02
CA TYR B 141 -24.59 -18.26 28.31
C TYR B 141 -23.76 -19.12 29.27
N ALA B 142 -22.54 -18.71 29.59
CA ALA B 142 -21.68 -19.48 30.49
C ALA B 142 -21.05 -18.56 31.54
N ASN B 143 -21.50 -17.32 31.58
CA ASN B 143 -21.06 -16.30 32.54
C ASN B 143 -19.57 -16.19 32.84
N ASN B 144 -18.76 -16.15 31.78
CA ASN B 144 -17.33 -16.07 31.94
C ASN B 144 -16.70 -15.58 30.64
N ILE B 145 -16.73 -14.25 30.56
CA ILE B 145 -16.22 -13.45 29.45
C ILE B 145 -16.69 -13.90 28.05
N LEU B 146 -17.93 -13.54 27.77
CA LEU B 146 -18.54 -13.77 26.45
C LEU B 146 -17.64 -12.92 25.53
N ARG B 147 -17.23 -13.42 24.37
CA ARG B 147 -16.28 -12.72 23.52
C ARG B 147 -16.47 -13.21 22.09
N THR B 148 -15.78 -12.58 21.14
CA THR B 148 -15.94 -12.92 19.75
C THR B 148 -14.59 -12.95 19.05
N GLN B 149 -14.61 -12.90 17.72
CA GLN B 149 -13.49 -13.16 16.84
C GLN B 149 -12.23 -12.33 16.87
N GLU B 150 -12.44 -11.01 16.83
CA GLU B 150 -11.40 -10.01 16.61
C GLU B 150 -10.92 -10.09 15.16
N SER B 151 -11.80 -10.53 14.25
CA SER B 151 -11.54 -10.54 12.81
C SER B 151 -12.90 -10.48 12.13
N ALA B 152 -12.91 -10.23 10.84
CA ALA B 152 -14.11 -10.06 10.04
C ALA B 152 -15.12 -11.20 10.17
N CYS B 153 -16.41 -10.86 10.25
CA CYS B 153 -17.43 -11.91 10.15
C CYS B 153 -17.66 -12.15 8.66
N ASN B 154 -18.51 -13.08 8.26
CA ASN B 154 -18.63 -13.43 6.84
C ASN B 154 -20.05 -13.53 6.41
N CYS B 155 -20.40 -12.79 5.37
CA CYS B 155 -21.73 -12.73 4.79
C CYS B 155 -21.84 -13.39 3.43
N ILE B 156 -22.98 -14.05 3.19
CA ILE B 156 -23.31 -14.71 1.94
C ILE B 156 -24.82 -14.53 1.75
N GLY B 157 -25.21 -13.87 0.67
CA GLY B 157 -26.62 -13.66 0.38
C GLY B 157 -27.37 -12.91 1.47
N GLY B 158 -26.66 -12.07 2.23
CA GLY B 158 -27.26 -11.32 3.32
C GLY B 158 -27.17 -11.97 4.67
N ASP B 159 -26.69 -13.21 4.80
CA ASP B 159 -26.56 -13.85 6.09
C ASP B 159 -25.10 -13.77 6.47
N CYS B 160 -24.84 -13.18 7.63
CA CYS B 160 -23.50 -12.96 8.15
C CYS B 160 -23.30 -13.91 9.33
N TYR B 161 -22.24 -14.70 9.37
CA TYR B 161 -22.00 -15.68 10.42
C TYR B 161 -20.88 -15.15 11.31
N LEU B 162 -20.99 -15.41 12.61
CA LEU B 162 -20.05 -14.88 13.60
C LEU B 162 -19.82 -15.93 14.68
N MET B 163 -18.56 -16.21 15.03
CA MET B 163 -18.23 -17.07 16.15
C MET B 163 -18.30 -16.19 17.42
N ILE B 164 -18.99 -16.68 18.43
CA ILE B 164 -18.97 -16.08 19.75
C ILE B 164 -18.60 -17.26 20.69
N THR B 165 -18.00 -17.02 21.84
CA THR B 165 -17.68 -18.09 22.77
C THR B 165 -17.79 -17.49 24.17
N ASP B 166 -17.74 -18.36 25.17
CA ASP B 166 -17.92 -17.95 26.54
C ASP B 166 -17.45 -19.11 27.42
N GLY B 167 -16.71 -18.81 28.46
CA GLY B 167 -16.23 -19.82 29.37
C GLY B 167 -14.80 -19.55 29.79
N SER B 168 -14.28 -20.36 30.70
CA SER B 168 -12.94 -20.18 31.24
C SER B 168 -11.83 -20.22 30.20
N ALA B 169 -10.92 -19.28 30.37
CA ALA B 169 -9.74 -19.19 29.52
C ALA B 169 -8.77 -20.36 29.78
N SER B 170 -8.87 -21.03 30.92
CA SER B 170 -8.04 -22.19 31.18
C SER B 170 -8.94 -23.41 31.42
N GLY B 171 -10.13 -23.39 30.80
CA GLY B 171 -11.06 -24.49 30.90
C GLY B 171 -11.95 -24.57 29.66
N ILE B 172 -13.21 -24.92 29.89
CA ILE B 172 -14.23 -25.06 28.85
C ILE B 172 -14.78 -23.71 28.38
N SER B 173 -14.75 -23.55 27.06
CA SER B 173 -15.35 -22.42 26.34
C SER B 173 -15.91 -22.99 25.04
N LYS B 174 -17.18 -23.39 25.09
CA LYS B 174 -17.87 -23.97 23.96
C LYS B 174 -18.45 -22.82 23.14
N CYS B 175 -17.91 -22.62 21.96
CA CYS B 175 -18.35 -21.54 21.09
C CYS B 175 -19.70 -21.87 20.45
N ARG B 176 -20.31 -20.84 19.86
CA ARG B 176 -21.57 -20.90 19.14
C ARG B 176 -21.41 -19.94 17.98
N PHE B 177 -22.23 -20.13 16.95
CA PHE B 177 -22.20 -19.23 15.80
C PHE B 177 -23.55 -18.55 15.71
N LEU B 178 -23.49 -17.25 15.48
CA LEU B 178 -24.68 -16.43 15.25
C LEU B 178 -24.79 -16.20 13.74
N LYS B 179 -26.03 -16.30 13.25
CA LYS B 179 -26.37 -16.03 11.87
C LYS B 179 -27.17 -14.73 12.01
N ILE B 180 -26.66 -13.66 11.45
CA ILE B 180 -27.18 -12.30 11.59
C ILE B 180 -27.60 -11.79 10.21
N ARG B 181 -28.80 -11.26 10.05
CA ARG B 181 -29.27 -10.72 8.78
C ARG B 181 -29.79 -9.32 9.13
N GLU B 182 -29.17 -8.31 8.52
CA GLU B 182 -29.49 -6.90 8.67
C GLU B 182 -29.53 -6.47 10.15
N GLY B 183 -28.54 -7.00 10.84
CA GLY B 183 -28.26 -6.67 12.20
C GLY B 183 -29.07 -7.44 13.22
N ARG B 184 -29.87 -8.41 12.84
CA ARG B 184 -30.64 -9.16 13.81
C ARG B 184 -30.28 -10.63 13.66
N ILE B 185 -30.05 -11.25 14.81
CA ILE B 185 -29.73 -12.67 14.90
C ILE B 185 -30.99 -13.42 14.50
N ILE B 186 -30.87 -14.25 13.48
CA ILE B 186 -31.97 -15.09 13.04
C ILE B 186 -31.72 -16.56 13.35
N LYS B 187 -30.56 -16.96 13.87
CA LYS B 187 -30.32 -18.35 14.23
C LYS B 187 -29.03 -18.44 15.04
N GLU B 188 -29.09 -19.37 15.98
CA GLU B 188 -27.99 -19.79 16.83
C GLU B 188 -27.63 -21.17 16.27
N ILE B 189 -26.33 -21.43 16.10
CA ILE B 189 -25.83 -22.68 15.55
C ILE B 189 -24.91 -23.23 16.64
N PHE B 190 -25.25 -24.38 17.21
CA PHE B 190 -24.47 -25.00 18.29
C PHE B 190 -23.57 -26.07 17.68
N PRO B 191 -22.25 -25.90 17.61
CA PRO B 191 -21.36 -26.91 17.00
C PRO B 191 -21.35 -28.28 17.68
N THR B 192 -20.90 -29.24 16.89
CA THR B 192 -20.79 -30.67 17.17
C THR B 192 -19.31 -31.07 17.16
N GLY B 193 -18.88 -32.14 17.83
CA GLY B 193 -17.52 -32.65 17.73
C GLY B 193 -16.59 -32.30 18.87
N ARG B 194 -15.34 -31.92 18.60
CA ARG B 194 -14.36 -31.56 19.60
C ARG B 194 -14.71 -30.10 19.93
N VAL B 195 -15.50 -29.98 20.97
CA VAL B 195 -16.13 -28.72 21.32
C VAL B 195 -15.68 -28.07 22.64
N GLU B 196 -14.72 -28.65 23.36
CA GLU B 196 -14.35 -28.15 24.68
C GLU B 196 -13.70 -26.77 24.76
N HIS B 197 -13.04 -26.23 23.72
CA HIS B 197 -12.54 -24.86 23.78
C HIS B 197 -12.15 -24.34 22.41
N THR B 198 -12.97 -23.41 21.92
CA THR B 198 -12.79 -22.75 20.63
C THR B 198 -13.02 -21.26 20.89
N GLU B 199 -12.09 -20.41 20.53
CA GLU B 199 -12.24 -18.95 20.64
C GLU B 199 -11.41 -18.28 19.55
N GLU B 200 -11.67 -16.98 19.35
CA GLU B 200 -10.97 -16.14 18.38
C GLU B 200 -10.82 -16.75 16.99
N CYS B 201 -11.92 -17.31 16.50
CA CYS B 201 -11.91 -17.93 15.18
C CYS B 201 -11.63 -16.89 14.10
N THR B 202 -10.78 -17.32 13.17
CA THR B 202 -10.49 -16.61 11.94
C THR B 202 -11.23 -17.45 10.88
N CYS B 203 -12.32 -16.91 10.37
CA CYS B 203 -13.22 -17.58 9.44
C CYS B 203 -13.18 -17.01 8.04
N GLY B 204 -13.68 -17.78 7.09
CA GLY B 204 -13.79 -17.37 5.71
C GLY B 204 -14.50 -18.45 4.94
N PHE B 205 -14.76 -18.21 3.66
CA PHE B 205 -15.47 -19.15 2.81
C PHE B 205 -14.54 -20.04 2.02
N ALA B 206 -14.87 -21.33 2.06
CA ALA B 206 -14.16 -22.36 1.32
C ALA B 206 -14.89 -22.54 -0.01
N SER B 207 -16.17 -22.18 -0.03
CA SER B 207 -17.03 -22.23 -1.21
C SER B 207 -18.33 -21.50 -0.81
N ASN B 208 -19.36 -21.58 -1.64
CA ASN B 208 -20.66 -21.03 -1.32
C ASN B 208 -21.41 -21.86 -0.27
N LYS B 209 -20.96 -23.07 0.05
CA LYS B 209 -21.67 -23.92 1.01
C LYS B 209 -20.95 -23.99 2.36
N THR B 210 -19.65 -23.72 2.42
CA THR B 210 -18.91 -23.95 3.65
C THR B 210 -18.03 -22.78 4.11
N ILE B 211 -18.17 -22.42 5.37
CA ILE B 211 -17.29 -21.47 6.05
C ILE B 211 -16.32 -22.34 6.87
N GLU B 212 -15.03 -22.02 6.92
CA GLU B 212 -14.07 -22.77 7.73
C GLU B 212 -13.40 -21.76 8.65
N CYS B 213 -12.99 -22.22 9.84
CA CYS B 213 -12.36 -21.34 10.82
C CYS B 213 -11.13 -22.00 11.43
N ALA B 214 -10.09 -21.22 11.69
CA ALA B 214 -8.89 -21.71 12.38
C ALA B 214 -8.97 -20.90 13.66
N CYS B 215 -9.05 -21.58 14.80
CA CYS B 215 -9.30 -20.92 16.07
C CYS B 215 -8.22 -21.12 17.11
N ARG B 216 -8.45 -20.60 18.30
CA ARG B 216 -7.53 -20.69 19.41
C ARG B 216 -8.15 -21.53 20.52
N ASP B 217 -7.36 -22.45 21.03
CA ASP B 217 -7.70 -23.19 22.24
C ASP B 217 -6.71 -22.62 23.24
N ASN B 218 -7.17 -21.84 24.20
CA ASN B 218 -6.27 -21.27 25.20
C ASN B 218 -5.96 -22.22 26.36
N SER B 219 -6.65 -23.36 26.43
CA SER B 219 -6.47 -24.28 27.55
C SER B 219 -5.70 -25.59 27.32
N TYR B 220 -6.13 -26.37 26.33
CA TYR B 220 -5.69 -27.75 26.14
C TYR B 220 -4.65 -28.11 25.07
N THR B 221 -4.63 -27.41 23.94
CA THR B 221 -3.74 -27.78 22.87
C THR B 221 -3.13 -26.58 22.15
N ALA B 222 -2.05 -26.85 21.44
CA ALA B 222 -1.32 -25.96 20.57
C ALA B 222 -1.79 -26.18 19.13
N LYS B 223 -2.59 -27.22 18.90
CA LYS B 223 -3.22 -27.44 17.61
C LYS B 223 -4.42 -26.50 17.58
N ARG B 224 -4.80 -25.99 16.40
CA ARG B 224 -5.94 -25.09 16.28
C ARG B 224 -7.22 -25.87 16.08
N PRO B 225 -8.31 -25.57 16.84
CA PRO B 225 -9.66 -26.03 16.53
C PRO B 225 -9.99 -25.53 15.12
N PHE B 226 -10.49 -26.45 14.28
CA PHE B 226 -10.81 -26.17 12.89
C PHE B 226 -12.31 -26.43 12.71
N VAL B 227 -13.05 -25.37 12.43
CA VAL B 227 -14.51 -25.39 12.30
C VAL B 227 -14.87 -25.48 10.82
N LYS B 228 -15.84 -26.32 10.49
CA LYS B 228 -16.43 -26.37 9.15
C LYS B 228 -17.91 -26.16 9.43
N LEU B 229 -18.45 -25.07 8.89
CA LEU B 229 -19.83 -24.67 9.10
C LEU B 229 -20.44 -24.79 7.73
N ASN B 230 -21.51 -25.57 7.66
CA ASN B 230 -22.28 -25.75 6.43
C ASN B 230 -23.37 -24.68 6.48
N VAL B 231 -23.28 -23.79 5.52
CA VAL B 231 -24.16 -22.63 5.36
C VAL B 231 -25.56 -23.03 4.89
N GLU B 232 -25.70 -24.13 4.16
CA GLU B 232 -27.02 -24.52 3.67
C GLU B 232 -27.88 -25.15 4.75
N THR B 233 -27.26 -25.92 5.64
CA THR B 233 -27.99 -26.57 6.72
C THR B 233 -27.89 -25.82 8.03
N ASP B 234 -26.94 -24.88 8.11
CA ASP B 234 -26.65 -24.08 9.30
C ASP B 234 -26.29 -24.98 10.47
N THR B 235 -25.30 -25.83 10.20
CA THR B 235 -24.78 -26.76 11.20
C THR B 235 -23.25 -26.65 11.19
N ALA B 236 -22.55 -26.84 12.29
CA ALA B 236 -21.09 -26.74 12.32
C ALA B 236 -20.49 -27.93 13.06
N GLU B 237 -19.25 -28.30 12.75
CA GLU B 237 -18.54 -29.37 13.44
C GLU B 237 -17.10 -28.88 13.58
N ILE B 238 -16.53 -29.18 14.74
CA ILE B 238 -15.18 -28.74 15.08
C ILE B 238 -14.34 -29.98 15.37
N ARG B 239 -13.12 -30.01 14.86
CA ARG B 239 -12.11 -31.01 15.19
C ARG B 239 -10.78 -30.26 15.11
N LEU B 240 -9.76 -30.74 15.80
CA LEU B 240 -8.43 -30.16 15.79
C LEU B 240 -7.75 -30.41 14.46
N MET B 241 -6.97 -29.42 14.03
CA MET B 241 -6.16 -29.53 12.83
C MET B 241 -5.14 -30.62 13.11
N CYS B 242 -4.98 -31.56 12.22
CA CYS B 242 -4.05 -32.66 12.43
C CYS B 242 -2.62 -32.35 12.01
N THR B 243 -2.38 -31.27 11.25
CA THR B 243 -1.04 -30.97 10.76
C THR B 243 -0.02 -30.91 11.89
N GLU B 244 1.13 -31.48 11.56
CA GLU B 244 2.25 -31.43 12.49
C GLU B 244 2.77 -30.00 12.64
N THR B 245 2.43 -29.07 11.74
CA THR B 245 2.79 -27.67 11.83
C THR B 245 1.79 -27.02 12.80
N TYR B 246 2.02 -27.13 14.11
CA TYR B 246 1.09 -26.57 15.08
C TYR B 246 1.09 -25.05 14.88
N LEU B 247 -0.07 -24.46 14.70
CA LEU B 247 -0.12 -23.03 14.41
C LEU B 247 -0.24 -22.12 15.61
N ASP B 248 -0.40 -22.63 16.84
CA ASP B 248 -0.55 -21.76 18.00
C ASP B 248 0.76 -21.41 18.69
N THR B 249 0.75 -20.45 19.61
CA THR B 249 1.91 -20.05 20.40
C THR B 249 1.39 -19.95 21.84
N PRO B 250 1.97 -20.56 22.88
CA PRO B 250 3.11 -21.49 22.76
C PRO B 250 2.78 -22.81 22.06
N ARG B 251 3.77 -23.58 21.64
CA ARG B 251 3.57 -24.87 20.98
C ARG B 251 4.83 -25.73 21.19
N PRO B 252 4.75 -27.06 21.15
CA PRO B 252 5.94 -27.93 21.10
C PRO B 252 6.50 -27.96 19.68
N ASP B 253 7.62 -28.66 19.48
CA ASP B 253 8.22 -28.80 18.16
C ASP B 253 7.25 -29.51 17.23
N ASP B 254 7.31 -29.16 15.97
CA ASP B 254 6.43 -29.75 14.95
C ASP B 254 6.59 -31.26 14.93
N GLY B 255 5.45 -31.91 14.94
CA GLY B 255 5.42 -33.35 14.88
C GLY B 255 5.69 -34.04 16.19
N SER B 256 5.83 -33.35 17.33
CA SER B 256 6.09 -34.07 18.57
C SER B 256 4.81 -34.57 19.28
N ILE B 257 3.62 -34.14 18.83
CA ILE B 257 2.39 -34.61 19.43
C ILE B 257 2.02 -35.90 18.68
N THR B 258 2.42 -36.95 19.36
CA THR B 258 2.16 -38.34 19.03
C THR B 258 0.68 -38.77 19.22
N GLY B 259 0.33 -39.89 18.63
CA GLY B 259 -1.02 -40.42 18.76
C GLY B 259 -1.95 -39.90 17.68
N PRO B 260 -3.26 -40.19 17.72
CA PRO B 260 -4.20 -39.80 16.65
C PRO B 260 -4.36 -38.28 16.49
N CYS B 261 -4.88 -37.83 15.35
CA CYS B 261 -5.15 -36.40 15.10
C CYS B 261 -5.71 -35.56 16.23
N GLU B 262 -6.57 -36.14 17.05
CA GLU B 262 -7.24 -35.33 18.08
C GLU B 262 -6.44 -35.20 19.37
N SER B 263 -5.25 -35.80 19.50
CA SER B 263 -4.44 -35.71 20.70
C SER B 263 -4.11 -34.26 21.01
N ASN B 264 -4.36 -33.81 22.23
CA ASN B 264 -4.08 -32.42 22.61
C ASN B 264 -2.59 -32.15 22.64
N GLY B 265 -1.81 -33.03 23.25
CA GLY B 265 -0.39 -32.81 23.33
C GLY B 265 0.02 -31.83 24.43
N ASP B 266 1.25 -31.43 24.30
CA ASP B 266 2.07 -30.64 25.22
C ASP B 266 1.99 -29.12 25.00
N LYS B 267 2.22 -28.27 26.00
CA LYS B 267 2.28 -26.79 25.89
C LYS B 267 1.00 -26.15 25.30
N GLY B 268 -0.06 -26.72 25.84
CA GLY B 268 -1.40 -26.40 25.42
C GLY B 268 -1.98 -25.14 26.02
N ARG B 269 -1.56 -24.74 27.20
CA ARG B 269 -2.13 -23.59 27.88
C ARG B 269 -1.57 -22.31 27.23
N GLY B 270 -2.39 -21.28 27.09
CA GLY B 270 -1.97 -20.06 26.44
C GLY B 270 -2.33 -20.15 24.96
N GLY B 271 -2.19 -19.10 24.20
CA GLY B 271 -2.56 -19.11 22.80
C GLY B 271 -2.36 -17.76 22.17
N ILE B 272 -2.74 -17.72 20.89
CA ILE B 272 -2.65 -16.54 20.06
C ILE B 272 -3.73 -16.74 18.98
N LYS B 273 -4.29 -15.64 18.48
CA LYS B 273 -5.28 -15.69 17.40
C LYS B 273 -4.43 -15.82 16.15
N GLY B 274 -4.81 -16.64 15.19
CA GLY B 274 -3.96 -16.87 14.03
C GLY B 274 -4.62 -16.66 12.69
N GLY B 275 -3.80 -16.21 11.75
CA GLY B 275 -4.23 -15.95 10.40
C GLY B 275 -4.60 -17.20 9.63
N PHE B 276 -5.60 -17.01 8.77
CA PHE B 276 -6.13 -18.07 7.92
C PHE B 276 -6.94 -17.45 6.79
N VAL B 277 -6.69 -17.81 5.53
CA VAL B 277 -7.50 -17.28 4.44
C VAL B 277 -7.51 -18.31 3.30
N HIS B 278 -8.59 -18.34 2.54
CA HIS B 278 -8.76 -19.32 1.45
C HIS B 278 -8.47 -18.69 0.08
N GLN B 279 -7.95 -19.55 -0.79
CA GLN B 279 -7.66 -19.24 -2.17
C GLN B 279 -8.53 -20.25 -2.91
N ARG B 280 -9.69 -19.82 -3.36
CA ARG B 280 -10.61 -20.70 -4.07
C ARG B 280 -10.30 -20.70 -5.56
N MET B 281 -10.07 -21.89 -6.05
CA MET B 281 -9.83 -22.13 -7.47
C MET B 281 -10.90 -23.09 -7.95
N ALA B 282 -11.05 -23.29 -9.25
CA ALA B 282 -12.10 -24.15 -9.80
C ALA B 282 -12.11 -25.60 -9.28
N SER B 283 -10.94 -26.21 -9.15
CA SER B 283 -10.83 -27.59 -8.68
C SER B 283 -9.80 -27.79 -7.58
N LYS B 284 -9.39 -26.75 -6.87
CA LYS B 284 -8.37 -26.84 -5.82
C LYS B 284 -8.70 -25.71 -4.85
N ILE B 285 -8.39 -25.87 -3.57
CA ILE B 285 -8.64 -24.86 -2.54
C ILE B 285 -7.30 -24.73 -1.82
N GLY B 286 -6.83 -23.51 -1.63
CA GLY B 286 -5.59 -23.25 -0.92
C GLY B 286 -5.94 -22.70 0.44
N ARG B 287 -5.27 -23.16 1.49
CA ARG B 287 -5.51 -22.69 2.85
C ARG B 287 -4.17 -22.15 3.29
N TRP B 288 -4.15 -20.86 3.54
CA TRP B 288 -2.94 -20.12 3.91
C TRP B 288 -3.07 -19.80 5.39
N TYR B 289 -2.00 -19.95 6.16
CA TYR B 289 -1.99 -19.76 7.60
C TYR B 289 -0.71 -19.07 8.03
N SER B 290 -0.73 -18.38 9.16
CA SER B 290 0.46 -17.73 9.69
C SER B 290 0.70 -18.13 11.14
N ARG B 291 1.95 -18.17 11.61
CA ARG B 291 2.21 -18.43 13.03
C ARG B 291 3.51 -17.74 13.37
N THR B 292 3.77 -17.47 14.66
CA THR B 292 4.96 -16.77 15.09
C THR B 292 6.20 -17.59 14.77
N MET B 293 7.36 -16.95 14.69
CA MET B 293 8.59 -17.68 14.43
C MET B 293 9.01 -18.31 15.77
N SER B 294 8.79 -17.63 16.90
CA SER B 294 9.12 -18.21 18.19
C SER B 294 8.01 -19.21 18.52
N LYS B 295 8.43 -20.30 19.12
CA LYS B 295 7.49 -21.33 19.55
C LYS B 295 6.80 -20.93 20.84
N THR B 296 7.42 -20.06 21.64
CA THR B 296 6.87 -19.63 22.92
C THR B 296 6.49 -18.15 23.06
N GLU B 297 7.08 -17.26 22.31
CA GLU B 297 6.80 -15.83 22.47
C GLU B 297 6.25 -15.27 21.18
N ARG B 298 5.62 -14.09 21.28
CA ARG B 298 4.98 -13.42 20.17
C ARG B 298 6.00 -12.61 19.36
N MET B 299 6.93 -13.35 18.74
CA MET B 299 8.02 -12.80 17.96
C MET B 299 8.05 -13.49 16.60
N GLY B 300 8.16 -12.66 15.57
CA GLY B 300 8.18 -13.09 14.19
C GLY B 300 6.83 -13.54 13.68
N MET B 301 6.75 -13.89 12.40
CA MET B 301 5.53 -14.41 11.79
C MET B 301 5.89 -14.97 10.42
N GLU B 302 5.52 -16.22 10.17
CA GLU B 302 5.82 -16.93 8.94
C GLU B 302 4.52 -17.41 8.30
N LEU B 303 4.55 -17.47 6.97
CA LEU B 303 3.40 -17.86 6.15
C LEU B 303 3.51 -19.36 5.84
N TYR B 304 2.40 -20.07 5.76
CA TYR B 304 2.32 -21.49 5.41
C TYR B 304 1.12 -21.74 4.52
N VAL B 305 1.16 -22.72 3.63
CA VAL B 305 0.03 -23.05 2.77
C VAL B 305 -0.11 -24.57 2.59
N ARG B 306 -1.32 -25.02 2.30
CA ARG B 306 -1.56 -26.38 1.90
C ARG B 306 -2.77 -26.33 0.97
N TYR B 307 -2.72 -27.08 -0.11
CA TYR B 307 -3.80 -27.12 -1.08
C TYR B 307 -4.49 -28.46 -0.89
N ASP B 308 -5.82 -28.39 -0.80
CA ASP B 308 -6.73 -29.51 -0.65
C ASP B 308 -6.53 -30.33 0.63
N GLY B 309 -7.04 -31.57 0.66
CA GLY B 309 -6.91 -32.42 1.83
C GLY B 309 -7.94 -32.06 2.88
N ASP B 310 -7.95 -32.80 3.96
CA ASP B 310 -8.89 -32.55 5.04
C ASP B 310 -8.01 -32.18 6.23
N PRO B 311 -8.08 -30.90 6.66
CA PRO B 311 -7.33 -30.40 7.80
C PRO B 311 -7.47 -31.23 9.08
N TRP B 312 -8.60 -31.90 9.22
CA TRP B 312 -8.91 -32.75 10.38
C TRP B 312 -8.13 -34.08 10.38
N THR B 313 -7.66 -34.59 9.24
CA THR B 313 -6.96 -35.88 9.17
C THR B 313 -5.56 -35.83 8.55
N ASP B 314 -5.20 -34.76 7.86
CA ASP B 314 -3.89 -34.68 7.23
C ASP B 314 -2.84 -34.28 8.25
N SER B 315 -1.95 -35.20 8.61
CA SER B 315 -0.85 -34.86 9.51
C SER B 315 0.31 -34.15 8.82
N ASP B 316 0.35 -34.18 7.48
CA ASP B 316 1.45 -33.57 6.71
C ASP B 316 1.75 -32.14 7.08
N ALA B 317 3.03 -31.80 6.99
CA ALA B 317 3.50 -30.44 7.23
C ALA B 317 2.87 -29.48 6.22
N LEU B 318 2.60 -28.29 6.69
CA LEU B 318 2.15 -27.19 5.84
C LEU B 318 3.42 -26.72 5.12
N ALA B 319 3.34 -26.22 3.89
CA ALA B 319 4.52 -25.76 3.19
C ALA B 319 4.80 -24.30 3.54
N HIS B 320 6.01 -24.07 4.02
CA HIS B 320 6.49 -22.75 4.41
C HIS B 320 6.61 -21.79 3.22
N SER B 321 5.99 -20.62 3.31
CA SER B 321 5.97 -19.68 2.20
C SER B 321 6.42 -18.24 2.52
N GLY B 322 7.44 -18.11 3.37
CA GLY B 322 8.04 -16.82 3.62
C GLY B 322 7.97 -16.32 5.04
N VAL B 323 8.97 -15.54 5.40
CA VAL B 323 9.07 -14.89 6.69
C VAL B 323 8.42 -13.52 6.45
N MET B 324 7.28 -13.25 7.06
CA MET B 324 6.64 -11.95 6.92
C MET B 324 7.19 -10.99 7.98
N VAL B 325 7.53 -11.49 9.18
CA VAL B 325 8.04 -10.67 10.28
C VAL B 325 9.19 -11.51 10.84
N SER B 326 10.37 -10.96 11.01
CA SER B 326 11.55 -11.68 11.48
C SER B 326 11.45 -11.96 12.98
N MET B 327 12.28 -12.85 13.50
CA MET B 327 12.35 -13.18 14.93
C MET B 327 12.62 -11.95 15.81
N LYS B 328 13.20 -10.92 15.20
CA LYS B 328 13.60 -9.65 15.82
C LYS B 328 12.39 -8.76 16.09
N GLU B 329 11.33 -8.91 15.29
CA GLU B 329 10.16 -8.04 15.32
C GLU B 329 8.96 -8.70 15.98
N PRO B 330 8.06 -7.95 16.64
CA PRO B 330 6.83 -8.49 17.26
C PRO B 330 5.87 -9.14 16.25
N GLY B 331 5.31 -10.26 16.65
CA GLY B 331 4.34 -10.96 15.84
C GLY B 331 3.24 -11.40 16.76
N TRP B 332 2.15 -10.63 16.86
CA TRP B 332 1.08 -10.95 17.78
C TRP B 332 -0.10 -11.51 17.01
N TYR B 333 -1.33 -11.05 17.13
CA TYR B 333 -2.46 -11.64 16.42
C TYR B 333 -2.34 -11.58 14.91
N SER B 334 -2.86 -12.55 14.18
CA SER B 334 -2.90 -12.45 12.74
C SER B 334 -4.29 -12.85 12.27
N PHE B 335 -4.74 -12.43 11.10
CA PHE B 335 -6.11 -12.67 10.67
C PHE B 335 -6.16 -12.70 9.16
N GLY B 336 -7.22 -13.25 8.57
CA GLY B 336 -7.31 -13.25 7.13
C GLY B 336 -8.42 -12.30 6.67
N PHE B 337 -8.40 -11.83 5.44
CA PHE B 337 -9.48 -11.02 4.90
C PHE B 337 -9.30 -11.05 3.40
N GLU B 338 -10.37 -10.69 2.72
CA GLU B 338 -10.36 -10.64 1.27
C GLU B 338 -10.79 -9.26 0.79
N ILE B 339 -10.05 -8.83 -0.23
CA ILE B 339 -10.31 -7.58 -0.95
C ILE B 339 -11.09 -7.97 -2.21
N LYS B 340 -12.02 -7.13 -2.60
CA LYS B 340 -12.87 -7.35 -3.76
C LYS B 340 -12.30 -6.61 -4.97
N ASP B 341 -11.77 -7.37 -5.91
CA ASP B 341 -11.34 -6.83 -7.20
C ASP B 341 -12.61 -6.85 -8.07
N LYS B 342 -12.54 -6.45 -9.32
CA LYS B 342 -13.70 -6.43 -10.20
C LYS B 342 -14.38 -7.80 -10.37
N LYS B 343 -13.66 -8.89 -10.65
CA LYS B 343 -14.27 -10.19 -10.95
C LYS B 343 -13.92 -11.34 -9.98
N CYS B 344 -13.01 -11.10 -9.05
CA CYS B 344 -12.46 -12.12 -8.17
C CYS B 344 -12.04 -11.53 -6.83
N ASP B 345 -11.77 -12.41 -5.85
CA ASP B 345 -11.37 -12.01 -4.50
C ASP B 345 -9.89 -12.20 -4.24
N VAL B 346 -9.24 -11.28 -3.52
CA VAL B 346 -7.81 -11.33 -3.24
C VAL B 346 -7.64 -11.70 -1.75
N PRO B 347 -7.07 -12.90 -1.46
CA PRO B 347 -6.74 -13.35 -0.10
C PRO B 347 -5.53 -12.63 0.50
N CYS B 348 -5.71 -12.21 1.75
CA CYS B 348 -4.70 -11.50 2.52
C CYS B 348 -4.66 -11.96 3.97
N ILE B 349 -3.54 -11.70 4.64
CA ILE B 349 -3.38 -11.95 6.06
C ILE B 349 -2.73 -10.66 6.58
N GLY B 350 -3.28 -10.17 7.68
CA GLY B 350 -2.78 -8.98 8.34
C GLY B 350 -2.17 -9.41 9.66
N ILE B 351 -1.20 -8.68 10.19
CA ILE B 351 -0.45 -9.08 11.39
C ILE B 351 -0.39 -7.91 12.35
N GLU B 352 -0.89 -8.11 13.56
CA GLU B 352 -0.79 -7.15 14.63
C GLU B 352 0.65 -7.22 15.15
N MET B 353 1.35 -6.09 15.17
CA MET B 353 2.74 -6.00 15.61
C MET B 353 2.76 -5.07 16.81
N VAL B 354 2.63 -5.67 18.00
CA VAL B 354 2.51 -4.91 19.24
C VAL B 354 3.87 -4.41 19.70
N HIS B 355 3.82 -3.17 20.14
CA HIS B 355 4.93 -2.45 20.73
C HIS B 355 4.76 -2.79 22.21
N ASP B 356 5.63 -3.65 22.73
CA ASP B 356 5.54 -4.10 24.10
C ASP B 356 6.77 -3.59 24.82
N GLY B 357 6.58 -2.69 25.77
CA GLY B 357 7.69 -2.18 26.55
C GLY B 357 7.44 -2.36 28.03
N GLY B 358 6.48 -3.24 28.31
CA GLY B 358 6.06 -3.56 29.65
C GLY B 358 4.97 -2.62 30.12
N LYS B 359 4.43 -3.04 31.27
CA LYS B 359 3.39 -2.37 32.05
C LYS B 359 3.75 -0.91 32.39
N LYS B 360 5.05 -0.64 32.44
CA LYS B 360 5.64 0.66 32.73
C LYS B 360 5.40 1.74 31.68
N THR B 361 5.00 1.42 30.46
CA THR B 361 4.82 2.45 29.45
C THR B 361 3.62 2.12 28.57
N TRP B 362 3.42 2.92 27.52
CA TRP B 362 2.30 2.71 26.61
C TRP B 362 2.49 1.37 25.90
N HIS B 363 1.40 0.91 25.33
CA HIS B 363 1.28 -0.38 24.69
C HIS B 363 0.40 -0.13 23.47
N SER B 364 0.68 -0.63 22.27
CA SER B 364 -0.20 -0.45 21.11
C SER B 364 0.35 -1.31 19.96
N ALA B 365 -0.07 -1.10 18.71
CA ALA B 365 0.34 -1.97 17.61
C ALA B 365 0.26 -1.32 16.24
N ALA B 366 1.11 -1.85 15.37
CA ALA B 366 1.11 -1.58 13.93
C ALA B 366 0.38 -2.77 13.31
N THR B 367 0.04 -2.67 12.04
CA THR B 367 -0.61 -3.76 11.31
C THR B 367 0.16 -3.87 9.99
N ALA B 368 0.63 -5.09 9.68
CA ALA B 368 1.35 -5.43 8.45
C ALA B 368 0.37 -6.22 7.60
N ILE B 369 0.34 -6.03 6.29
CA ILE B 369 -0.61 -6.71 5.40
C ILE B 369 0.19 -7.39 4.28
N TYR B 370 -0.10 -8.67 4.05
CA TYR B 370 0.48 -9.47 2.97
C TYR B 370 -0.67 -9.99 2.14
N CYS B 371 -0.58 -10.00 0.82
CA CYS B 371 -1.67 -10.49 -0.03
C CYS B 371 -1.13 -11.37 -1.14
N LEU B 372 -1.97 -12.26 -1.67
CA LEU B 372 -1.63 -13.09 -2.82
C LEU B 372 -1.41 -12.05 -3.93
N MET B 373 -0.28 -12.16 -4.62
CA MET B 373 0.11 -11.17 -5.60
C MET B 373 1.17 -11.78 -6.52
N GLY B 374 0.79 -12.05 -7.76
CA GLY B 374 1.67 -12.59 -8.77
C GLY B 374 2.17 -13.97 -8.43
N SER B 375 3.34 -14.33 -8.95
CA SER B 375 3.91 -15.66 -8.79
C SER B 375 5.33 -15.58 -8.27
N GLY B 376 5.98 -16.71 -8.06
CA GLY B 376 7.33 -16.72 -7.53
C GLY B 376 7.31 -17.01 -6.04
N GLN B 377 8.11 -16.31 -5.24
CA GLN B 377 8.12 -16.55 -3.80
C GLN B 377 8.09 -15.21 -3.05
N LEU B 378 7.63 -15.20 -1.81
CA LEU B 378 7.56 -14.02 -0.95
C LEU B 378 8.95 -13.43 -0.76
N LEU B 379 9.04 -12.15 -1.05
CA LEU B 379 10.30 -11.43 -1.05
C LEU B 379 10.74 -10.64 0.19
N TRP B 380 9.90 -9.93 0.94
CA TRP B 380 10.43 -9.08 2.00
C TRP B 380 9.56 -9.11 3.24
N ASP B 381 10.23 -8.89 4.36
CA ASP B 381 9.61 -8.83 5.67
C ASP B 381 9.21 -7.39 6.03
N THR B 382 8.47 -7.25 7.13
CA THR B 382 8.02 -5.97 7.66
C THR B 382 8.68 -5.64 9.01
N VAL B 383 9.17 -4.42 9.24
CA VAL B 383 9.63 -3.95 10.56
C VAL B 383 8.65 -2.83 10.96
N THR B 384 8.38 -2.47 12.22
CA THR B 384 7.43 -1.38 12.50
C THR B 384 8.13 -0.01 12.44
N GLY B 385 9.44 -0.01 12.71
CA GLY B 385 10.27 1.18 12.71
C GLY B 385 10.11 2.05 13.96
N VAL B 386 9.38 1.62 14.97
CA VAL B 386 9.11 2.42 16.16
C VAL B 386 10.10 2.17 17.30
N ASP B 387 10.63 3.29 17.78
CA ASP B 387 11.52 3.31 18.93
C ASP B 387 10.58 3.76 20.03
N MET B 388 10.20 2.84 20.90
CA MET B 388 9.27 3.09 21.98
C MET B 388 9.75 4.13 22.99
N ALA B 389 11.03 4.52 23.02
CA ALA B 389 11.47 5.54 23.98
C ALA B 389 11.21 6.99 23.55
N LEU B 390 10.83 7.23 22.30
CA LEU B 390 10.68 8.59 21.79
C LEU B 390 9.33 9.18 22.14
C1 NAG C . -8.29 10.07 -29.50
C2 NAG C . -8.73 11.47 -29.94
C3 NAG C . -10.01 11.82 -29.15
C4 NAG C . -11.08 10.74 -29.40
C5 NAG C . -10.52 9.33 -29.08
C6 NAG C . -11.47 8.14 -29.34
C7 NAG C . -6.96 13.16 -30.54
C8 NAG C . -7.62 13.34 -31.90
N2 NAG C . -7.59 12.37 -29.67
O3 NAG C . -10.51 13.13 -29.44
O4 NAG C . -12.24 11.00 -28.58
O5 NAG C . -9.30 9.11 -29.77
O6 NAG C . -11.66 7.80 -30.71
O7 NAG C . -5.92 13.74 -30.26
CA CA D . 23.72 11.30 -17.18
C1 ZMR E . 18.40 10.44 -7.11
O1A ZMR E . 19.55 10.59 -7.77
O1B ZMR E . 17.86 11.31 -6.50
C2 ZMR E . 17.79 9.09 -7.11
C3 ZMR E . 16.61 8.88 -6.51
C4 ZMR E . 15.99 7.52 -6.46
C5 ZMR E . 16.96 6.45 -6.81
N5 ZMR E . 16.26 5.23 -7.16
C10 ZMR E . 16.23 4.14 -6.39
O10 ZMR E . 16.91 4.00 -5.39
C11 ZMR E . 15.26 3.06 -6.85
C6 ZMR E . 17.80 6.92 -8.03
O6 ZMR E . 18.47 8.14 -7.73
C7 ZMR E . 18.75 5.92 -8.68
O7 ZMR E . 19.13 5.75 -7.66
C8 ZMR E . 19.51 6.41 -9.80
O8 ZMR E . 18.48 6.67 -10.76
C9 ZMR E . 20.51 5.42 -10.39
O9 ZMR E . 19.83 4.34 -11.02
NE ZMR E . 15.36 7.21 -5.20
CZ ZMR E . 14.29 6.43 -5.12
NH1 ZMR E . 13.66 6.00 -6.22
NH2 ZMR E . 13.90 6.03 -3.91
C1 NAG F . -21.25 -18.51 -5.63
C2 NAG F . -20.18 -18.36 -6.71
C3 NAG F . -20.28 -16.98 -7.38
C4 NAG F . -21.73 -16.75 -7.86
C5 NAG F . -22.79 -17.10 -6.78
C6 NAG F . -24.20 -17.08 -7.40
C7 NAG F . -18.35 -19.75 -5.89
C8 NAG F . -16.96 -19.72 -5.31
N2 NAG F . -18.85 -18.55 -6.12
O3 NAG F . -19.35 -16.88 -8.46
O4 NAG F . -21.94 -15.40 -8.30
O5 NAG F . -22.53 -18.38 -6.22
O6 NAG F . -25.18 -17.41 -6.43
O7 NAG F . -18.95 -20.78 -6.11
CA CA G . -3.14 -23.26 23.26
CA CA H . -5.91 21.45 15.87
C1 ZMR I . -4.19 -11.80 24.28
O1A ZMR I . -3.61 -12.91 24.74
O1B ZMR I . -3.61 -10.98 23.62
C2 ZMR I . -5.62 -11.64 24.57
C3 ZMR I . -6.26 -10.54 24.12
C4 ZMR I . -7.71 -10.32 24.39
C5 ZMR I . -8.22 -11.27 25.45
N5 ZMR I . -9.65 -11.31 25.24
C10 ZMR I . -10.54 -10.89 26.12
O10 ZMR I . -10.23 -10.34 27.17
C11 ZMR I . -11.98 -11.26 25.85
C6 ZMR I . -7.64 -12.65 25.23
O6 ZMR I . -6.24 -12.61 25.26
C7 ZMR I . -8.17 -13.71 26.20
O7 ZMR I . -7.80 -13.43 27.54
C8 ZMR I . -7.72 -15.13 25.85
O8 ZMR I . -8.15 -15.38 24.52
C9 ZMR I . -8.24 -16.21 26.81
O9 ZMR I . -9.64 -16.41 26.70
NE ZMR I . -8.18 -8.97 24.71
CZ ZMR I . -9.14 -8.33 24.03
NH1 ZMR I . -9.54 -8.80 22.85
NH2 ZMR I . -9.70 -7.23 24.55
#